data_6TMJ
#
_entry.id   6TMJ
#
_cell.length_a   1.00
_cell.length_b   1.00
_cell.length_c   1.00
_cell.angle_alpha   90.00
_cell.angle_beta   90.00
_cell.angle_gamma   90.00
#
_symmetry.space_group_name_H-M   'P 1'
#
loop_
_entity.id
_entity.type
_entity.pdbx_description
1 polymer ATPTG11
2 polymer 'subunit a'
3 polymer 'ATP synthase subunit gamma'
4 polymer 'ATP synthase subunit delta'
5 polymer 'ATP synthase subunit epsilon'
6 polymer 'subunit c'
#
loop_
_entity_poly.entity_id
_entity_poly.type
_entity_poly.pdbx_seq_one_letter_code
_entity_poly.pdbx_strand_id
1 'polypeptide(L)'
;MVRNQRYPASPVQEIFLPEPVPFVQFDQTAPSPNSPPAPLPSPSLSQCEEQKDRYRDISSMFHRGVAGAEQVREAYNSMA
KCFRRVSVAEVLESDPAFRQARNFTMDLKQAEDDQRYKQLQYGRVPSILTKYHL
;
Q
2 'polypeptide(L)'
;MAAGSRFPFCTAARLSSRGTLPRLGEATFFAGAESQRSAGAFAKTLQRPFLRAPSTQLFPVGNRLGVSSARALVANAMEP
RRFFAAAASAKATHALQPTGTGSVAFTRPGQGSNAQFQTSLADKTRGLLGVGFLRPTKMASFAATFLLNFRFYFMYMART
TFQAVRPLLAFSVFGEVMKLVLATMSSGLFSFLFSFVLAFEVFYFFLQCYISYTFLTMFFTVLF
;
K
3 'polypeptide(L)'
;MAGLASLSSVGALRGMRLVPAAHLLPLHSAFGQQTRNFGAGDLKIVAARMKSVKSIQKITKAMKMVAASKLRMDQRRLEN
GLPFATPVQKLVQRIPVDPKEKGTLAVLALSSDKGLCGGVNSFVAKQARIVIKENEMAGNAVQVYGVGDKIRSALQRTFG
DRFKRIMTEVTRFPWNFGQACIIADRLMQDNPARLMVIYNHFKSAVAYDTLTLNVLTPTQAAQSAKEQLNTFEFEPEKTD
VWKDLQDFYYACTVFGCMLDNIASEQSARMSAMDNASTNAGEMISSLTLRYNRARQAKITTELVEIISGANALE
;
g2
4 'polypeptide(L)'
;MFARAFSRFASLAAPAPQRGWNAFVLPSRHFATAAGGANPFKNQLLLTLSSPSEAIYVRTPVRSVTVPGSEGAMTMTNGH
SQTVARLKAGEIIVRKGETGDEVERFFLSDGFVLFKSPEDDSGCCTAEVLGVEVVPVSMLDKESAATALQELLQQGAGAT
DEWTKARTLLGQELLSSVIRAAP
;
d2
5 'polypeptide(L)' MWRSSGVSFTRYASEMAALLRQCLKEPYRTQAMQRNQIHLKETVYQQGQVLTRETFNDIKKAFEAAAKHAGEK e2
6 'polypeptide(L)'
;MFFSRLSLSALKAAPAREALPGLLSRQSFSSAGFSQFSSQKFFFSPSRNFSQSPLFQKHTPVHCNQRIASALVPTQQPAM
TRQNPYAMQVGARYDAGVASLSAAIALMSVGGVAQGIGSLFAALVSGTARNPSIKEDLFTYTLIGMGFLEFLGIICVLMS
AVLLYS
;
H2,I2,J2,K2,M2,N2,O2,P2,Q2,L2
#
# COMPACT_ATOMS: atom_id res chain seq x y z
N TYR A 7 -14.01 42.16 29.28
CA TYR A 7 -13.87 41.15 28.25
C TYR A 7 -13.24 41.72 26.98
N PRO A 8 -11.91 41.87 26.99
CA PRO A 8 -11.24 42.34 25.76
C PRO A 8 -11.54 41.47 24.55
N ALA A 9 -11.60 40.15 24.74
CA ALA A 9 -12.05 39.25 23.69
C ALA A 9 -13.57 39.11 23.74
N SER A 10 -14.24 40.25 23.68
CA SER A 10 -15.70 40.28 23.72
C SER A 10 -16.35 39.30 22.77
N PRO A 11 -15.92 39.16 21.51
CA PRO A 11 -16.62 38.22 20.61
C PRO A 11 -16.59 36.78 21.08
N VAL A 12 -15.62 36.41 21.93
CA VAL A 12 -15.39 35.03 22.30
C VAL A 12 -15.51 34.81 23.80
N GLN A 13 -14.93 35.73 24.60
CA GLN A 13 -14.91 35.54 26.04
C GLN A 13 -16.30 35.58 26.63
N GLU A 14 -17.12 36.54 26.19
CA GLU A 14 -18.46 36.70 26.75
C GLU A 14 -19.24 35.39 26.82
N ILE A 15 -18.99 34.47 25.87
CA ILE A 15 -19.88 33.31 25.74
C ILE A 15 -19.76 32.40 26.95
N PHE A 16 -18.55 31.95 27.28
CA PHE A 16 -18.35 31.09 28.44
C PHE A 16 -17.27 31.66 29.34
N LEU A 17 -17.43 31.42 30.63
CA LEU A 17 -16.46 31.94 31.61
C LEU A 17 -16.34 33.44 31.49
N PRO A 18 -17.41 34.20 31.79
CA PRO A 18 -17.39 35.66 31.68
C PRO A 18 -16.95 36.35 32.97
N ARG B 151 -36.37 4.65 14.48
CA ARG B 151 -35.26 5.53 14.10
C ARG B 151 -34.89 5.31 12.63
N PHE B 152 -34.83 4.03 12.24
CA PHE B 152 -34.45 3.67 10.87
C PHE B 152 -35.18 4.52 9.84
N TYR B 153 -36.49 4.69 10.01
CA TYR B 153 -37.28 5.40 9.00
C TYR B 153 -36.73 6.82 8.77
N PHE B 154 -36.27 7.46 9.84
CA PHE B 154 -35.68 8.79 9.70
C PHE B 154 -34.41 8.74 8.87
N MET B 155 -33.53 7.79 9.17
CA MET B 155 -32.31 7.62 8.39
C MET B 155 -32.63 7.46 6.91
N TYR B 156 -33.62 6.62 6.61
CA TYR B 156 -33.89 6.28 5.22
C TYR B 156 -34.56 7.43 4.48
N MET B 157 -35.47 8.16 5.14
CA MET B 157 -36.04 9.32 4.48
C MET B 157 -35.00 10.41 4.28
N ALA B 158 -34.06 10.55 5.21
CA ALA B 158 -32.98 11.51 5.03
C ALA B 158 -32.15 11.16 3.82
N ARG B 159 -31.71 9.89 3.73
CA ARG B 159 -30.99 9.44 2.54
C ARG B 159 -31.78 9.73 1.28
N THR B 160 -33.05 9.33 1.26
CA THR B 160 -33.88 9.53 0.07
C THR B 160 -33.92 10.99 -0.34
N THR B 161 -34.13 11.89 0.62
CA THR B 161 -34.27 13.30 0.28
C THR B 161 -32.94 13.86 -0.21
N PHE B 162 -31.83 13.45 0.40
CA PHE B 162 -30.53 13.92 -0.06
C PHE B 162 -30.28 13.47 -1.50
N GLN B 163 -30.54 12.20 -1.80
CA GLN B 163 -30.31 11.72 -3.15
C GLN B 163 -31.32 12.27 -4.13
N ALA B 164 -32.43 12.82 -3.65
CA ALA B 164 -33.37 13.46 -4.55
C ALA B 164 -32.98 14.90 -4.84
N VAL B 165 -32.33 15.57 -3.88
CA VAL B 165 -31.93 16.96 -4.10
C VAL B 165 -30.52 17.11 -4.67
N ARG B 166 -29.69 16.08 -4.58
CA ARG B 166 -28.33 16.17 -5.10
C ARG B 166 -28.22 16.80 -6.47
N PRO B 167 -29.14 16.57 -7.40
CA PRO B 167 -29.07 17.28 -8.69
C PRO B 167 -29.61 18.69 -8.60
N LEU B 168 -30.64 18.88 -7.78
CA LEU B 168 -31.24 20.20 -7.64
C LEU B 168 -30.21 21.23 -7.21
N LEU B 169 -29.32 20.85 -6.29
CA LEU B 169 -28.24 21.73 -5.87
C LEU B 169 -27.36 22.11 -7.05
N ALA B 170 -26.72 21.13 -7.66
CA ALA B 170 -25.81 21.40 -8.76
C ALA B 170 -26.50 22.14 -9.91
N PHE B 171 -27.83 22.12 -9.95
CA PHE B 171 -28.55 22.85 -11.00
C PHE B 171 -28.91 24.28 -10.59
N SER B 172 -29.14 24.53 -9.29
CA SER B 172 -29.61 25.81 -8.83
C SER B 172 -28.53 26.63 -8.13
N VAL B 173 -27.87 26.08 -7.11
CA VAL B 173 -26.97 26.90 -6.32
C VAL B 173 -25.68 27.16 -7.06
N PHE B 174 -25.15 26.15 -7.75
CA PHE B 174 -23.98 26.38 -8.60
C PHE B 174 -24.30 27.40 -9.69
N GLY B 175 -25.50 27.32 -10.24
CA GLY B 175 -25.93 28.32 -11.20
C GLY B 175 -25.94 29.71 -10.60
N GLU B 176 -26.42 29.83 -9.36
CA GLU B 176 -26.42 31.13 -8.69
C GLU B 176 -25.00 31.64 -8.49
N VAL B 177 -24.10 30.74 -8.09
CA VAL B 177 -22.69 31.10 -7.93
C VAL B 177 -22.12 31.64 -9.24
N MET B 178 -22.36 30.92 -10.33
CA MET B 178 -21.87 31.37 -11.64
C MET B 178 -22.50 32.70 -12.04
N LYS B 179 -23.78 32.89 -11.69
CA LYS B 179 -24.42 34.17 -11.94
C LYS B 179 -23.72 35.29 -11.18
N LEU B 180 -23.32 35.00 -9.94
CA LEU B 180 -22.57 35.98 -9.16
C LEU B 180 -21.25 36.31 -9.83
N VAL B 181 -20.53 35.29 -10.30
CA VAL B 181 -19.26 35.53 -10.98
C VAL B 181 -19.48 36.40 -12.21
N LEU B 182 -20.53 36.12 -12.98
CA LEU B 182 -20.80 36.90 -14.18
C LEU B 182 -21.14 38.34 -13.84
N ALA B 183 -21.96 38.55 -12.81
CA ALA B 183 -22.33 39.89 -12.41
C ALA B 183 -21.15 40.65 -11.84
N THR B 184 -20.16 39.95 -11.28
CA THR B 184 -19.00 40.60 -10.68
C THR B 184 -17.90 40.87 -11.71
N MET B 185 -17.72 39.97 -12.67
CA MET B 185 -16.65 40.08 -13.65
C MET B 185 -17.21 40.44 -15.02
N SER B 186 -16.34 41.01 -15.86
CA SER B 186 -16.73 41.44 -17.20
C SER B 186 -15.74 41.07 -18.29
N SER B 187 -14.56 40.58 -17.96
CA SER B 187 -13.55 40.26 -18.97
C SER B 187 -13.99 39.04 -19.79
N GLY B 188 -13.15 38.67 -20.76
CA GLY B 188 -13.44 37.53 -21.61
C GLY B 188 -12.52 36.35 -21.34
N LEU B 189 -11.24 36.62 -21.07
CA LEU B 189 -10.30 35.55 -20.76
C LEU B 189 -10.75 34.80 -19.50
N PHE B 190 -10.97 35.54 -18.41
CA PHE B 190 -11.58 34.94 -17.24
C PHE B 190 -12.91 34.31 -17.61
N SER B 191 -13.67 34.95 -18.51
CA SER B 191 -14.89 34.33 -19.00
C SER B 191 -14.59 33.12 -19.88
N PHE B 192 -13.40 33.02 -20.47
CA PHE B 192 -13.04 31.83 -21.22
C PHE B 192 -12.87 30.64 -20.28
N LEU B 193 -12.03 30.80 -19.26
CA LEU B 193 -11.96 29.78 -18.22
C LEU B 193 -13.32 29.52 -17.61
N PHE B 194 -14.16 30.54 -17.53
CA PHE B 194 -15.50 30.38 -16.99
C PHE B 194 -16.36 29.48 -17.88
N SER B 195 -16.25 29.63 -19.19
CA SER B 195 -16.99 28.76 -20.10
C SER B 195 -16.50 27.31 -19.98
N PHE B 196 -15.18 27.14 -19.89
CA PHE B 196 -14.63 25.82 -19.63
C PHE B 196 -15.24 25.23 -18.36
N VAL B 197 -15.23 26.01 -17.27
CA VAL B 197 -15.74 25.54 -16.00
C VAL B 197 -17.24 25.28 -16.08
N LEU B 198 -17.97 26.01 -16.93
CA LEU B 198 -19.40 25.76 -17.08
C LEU B 198 -19.63 24.42 -17.77
N ALA B 199 -18.83 24.12 -18.79
CA ALA B 199 -18.86 22.77 -19.36
C ALA B 199 -18.58 21.71 -18.29
N PHE B 200 -17.61 21.99 -17.43
CA PHE B 200 -17.32 21.07 -16.34
C PHE B 200 -18.52 20.90 -15.42
N GLU B 201 -19.19 21.99 -15.08
CA GLU B 201 -20.37 21.90 -14.22
C GLU B 201 -21.50 21.14 -14.92
N VAL B 202 -21.56 21.20 -16.24
CA VAL B 202 -22.55 20.39 -16.97
C VAL B 202 -22.24 18.92 -16.79
N PHE B 203 -20.99 18.52 -17.02
CA PHE B 203 -20.58 17.15 -16.74
C PHE B 203 -20.90 16.79 -15.29
N TYR B 204 -20.73 17.75 -14.38
CA TYR B 204 -21.00 17.49 -12.97
C TYR B 204 -22.47 17.20 -12.74
N PHE B 205 -23.35 17.99 -13.34
CA PHE B 205 -24.77 17.74 -13.16
C PHE B 205 -25.16 16.38 -13.71
N PHE B 206 -24.59 16.01 -14.86
CA PHE B 206 -24.94 14.71 -15.43
C PHE B 206 -24.41 13.58 -14.54
N LEU B 207 -23.24 13.77 -13.95
CA LEU B 207 -22.69 12.77 -13.04
C LEU B 207 -23.55 12.64 -11.80
N GLN B 208 -23.98 13.76 -11.23
CA GLN B 208 -24.84 13.70 -10.06
C GLN B 208 -26.16 13.03 -10.39
N CYS B 209 -26.71 13.32 -11.56
CA CYS B 209 -27.91 12.62 -11.99
C CYS B 209 -27.68 11.12 -12.04
N TYR B 210 -26.54 10.70 -12.57
CA TYR B 210 -26.25 9.27 -12.64
C TYR B 210 -26.19 8.68 -11.24
N ILE B 211 -25.56 9.39 -10.30
CA ILE B 211 -25.39 8.86 -8.96
C ILE B 211 -26.74 8.72 -8.27
N SER B 212 -27.55 9.77 -8.33
CA SER B 212 -28.87 9.72 -7.73
C SER B 212 -29.71 8.60 -8.36
N TYR B 213 -29.64 8.46 -9.68
CA TYR B 213 -30.37 7.38 -10.34
C TYR B 213 -29.91 6.02 -9.83
N THR B 214 -28.60 5.83 -9.73
CA THR B 214 -28.08 4.57 -9.21
C THR B 214 -28.65 4.27 -7.83
N PHE B 215 -28.51 5.21 -6.89
CA PHE B 215 -28.99 4.97 -5.53
C PHE B 215 -30.48 4.69 -5.53
N LEU B 216 -31.28 5.59 -6.09
CA LEU B 216 -32.71 5.37 -6.16
C LEU B 216 -33.04 4.00 -6.74
N THR B 217 -32.31 3.57 -7.77
CA THR B 217 -32.47 2.22 -8.29
C THR B 217 -32.14 1.18 -7.22
N MET B 218 -31.21 1.50 -6.32
CA MET B 218 -30.93 0.64 -5.19
C MET B 218 -31.96 0.77 -4.07
N PHE B 219 -32.99 1.60 -4.26
CA PHE B 219 -34.09 1.69 -3.33
C PHE B 219 -35.37 1.16 -3.97
N ALA C 67 26.66 -42.21 -32.89
CA ALA C 67 25.68 -41.51 -32.06
C ALA C 67 26.34 -40.97 -30.78
N ALA C 68 27.52 -41.48 -30.47
CA ALA C 68 28.23 -41.03 -29.28
C ALA C 68 28.31 -39.51 -29.22
N SER C 69 28.46 -38.87 -30.37
CA SER C 69 28.53 -37.40 -30.41
C SER C 69 27.24 -36.78 -29.91
N LYS C 70 26.11 -37.24 -30.45
CA LYS C 70 24.81 -36.81 -29.95
C LYS C 70 24.69 -37.04 -28.46
N LEU C 71 25.26 -38.14 -27.98
CA LEU C 71 25.21 -38.44 -26.55
C LEU C 71 25.99 -37.42 -25.73
N ARG C 72 27.19 -37.05 -26.20
CA ARG C 72 27.94 -35.99 -25.54
C ARG C 72 27.13 -34.71 -25.50
N MET C 73 26.50 -34.36 -26.62
CA MET C 73 25.70 -33.14 -26.65
C MET C 73 24.55 -33.21 -25.66
N ASP C 74 23.88 -34.35 -25.57
CA ASP C 74 22.73 -34.47 -24.69
C ASP C 74 23.13 -34.46 -23.21
N GLN C 75 24.24 -35.12 -22.88
CA GLN C 75 24.78 -35.01 -21.53
C GLN C 75 25.08 -33.55 -21.20
N ARG C 76 25.65 -32.82 -22.16
CA ARG C 76 25.94 -31.41 -21.93
C ARG C 76 24.67 -30.62 -21.68
N ARG C 77 23.63 -30.88 -22.47
CA ARG C 77 22.36 -30.17 -22.28
C ARG C 77 21.75 -30.49 -20.93
N LEU C 78 21.79 -31.75 -20.51
CA LEU C 78 21.35 -32.11 -19.17
C LEU C 78 22.09 -31.30 -18.12
N GLU C 79 23.41 -31.48 -18.03
CA GLU C 79 24.16 -30.78 -17.00
C GLU C 79 24.06 -29.27 -17.12
N ASN C 80 23.57 -28.75 -18.25
CA ASN C 80 23.35 -27.32 -18.45
C ASN C 80 21.87 -26.97 -18.52
N GLY C 81 20.99 -27.91 -18.18
CA GLY C 81 19.57 -27.65 -18.17
C GLY C 81 18.83 -28.25 -16.99
N LEU C 82 19.53 -29.01 -16.17
CA LEU C 82 18.95 -29.56 -14.95
C LEU C 82 18.99 -28.57 -13.80
N PRO C 83 20.13 -27.92 -13.52
CA PRO C 83 20.13 -26.88 -12.48
C PRO C 83 19.02 -25.86 -12.65
N PHE C 84 18.59 -25.61 -13.88
CA PHE C 84 17.44 -24.75 -14.13
C PHE C 84 16.19 -25.30 -13.49
N ALA C 85 15.87 -26.57 -13.79
CA ALA C 85 14.57 -27.13 -13.44
C ALA C 85 14.50 -27.59 -11.99
N THR C 86 15.51 -28.33 -11.55
CA THR C 86 15.57 -28.89 -10.20
C THR C 86 14.98 -28.02 -9.10
N PRO C 87 15.35 -26.74 -8.95
CA PRO C 87 15.00 -26.02 -7.72
C PRO C 87 13.50 -25.82 -7.52
N VAL C 88 12.80 -25.31 -8.53
CA VAL C 88 11.38 -25.02 -8.35
C VAL C 88 10.60 -26.31 -8.11
N GLN C 89 11.02 -27.40 -8.75
CA GLN C 89 10.35 -28.69 -8.54
C GLN C 89 10.58 -29.18 -7.12
N LYS C 90 11.83 -29.11 -6.64
CA LYS C 90 12.11 -29.52 -5.27
C LYS C 90 11.51 -28.58 -4.25
N LEU C 91 11.09 -27.38 -4.68
CA LEU C 91 10.35 -26.49 -3.81
C LEU C 91 8.90 -26.93 -3.71
N VAL C 92 8.22 -27.03 -4.85
CA VAL C 92 6.78 -27.29 -4.85
C VAL C 92 6.47 -28.72 -4.44
N GLN C 93 7.42 -29.65 -4.56
CA GLN C 93 7.20 -31.00 -4.04
C GLN C 93 7.20 -31.05 -2.53
N ARG C 94 7.54 -29.95 -1.85
CA ARG C 94 7.36 -29.88 -0.40
C ARG C 94 5.92 -30.09 -0.01
N ILE C 95 4.98 -29.88 -0.92
CA ILE C 95 3.56 -30.15 -0.69
C ILE C 95 3.30 -31.61 -1.06
N PRO C 96 2.95 -32.47 -0.11
CA PRO C 96 2.80 -33.89 -0.43
C PRO C 96 1.63 -34.12 -1.38
N VAL C 97 1.87 -34.99 -2.36
CA VAL C 97 0.87 -35.33 -3.37
C VAL C 97 0.40 -36.74 -3.08
N ASP C 98 -0.90 -36.91 -2.86
CA ASP C 98 -1.46 -38.22 -2.59
C ASP C 98 -1.87 -38.87 -3.91
N PRO C 99 -1.05 -39.77 -4.47
CA PRO C 99 -1.41 -40.33 -5.78
C PRO C 99 -2.71 -41.10 -5.76
N LYS C 100 -3.05 -41.76 -4.65
CA LYS C 100 -4.30 -42.49 -4.57
C LYS C 100 -5.51 -41.58 -4.47
N GLU C 101 -5.30 -40.26 -4.50
CA GLU C 101 -6.41 -39.30 -4.58
C GLU C 101 -7.30 -39.62 -5.77
N LYS C 102 -8.55 -39.16 -5.71
CA LYS C 102 -9.51 -39.40 -6.77
C LYS C 102 -9.59 -38.19 -7.71
N GLY C 103 -10.04 -38.47 -8.94
CA GLY C 103 -10.27 -37.40 -9.90
C GLY C 103 -9.86 -37.77 -11.30
N THR C 104 -10.15 -36.88 -12.25
CA THR C 104 -9.82 -37.10 -13.65
C THR C 104 -8.31 -37.12 -13.83
N LEU C 105 -7.76 -38.31 -14.02
CA LEU C 105 -6.34 -38.46 -14.25
C LEU C 105 -5.93 -37.86 -15.60
N ALA C 106 -4.64 -37.62 -15.76
CA ALA C 106 -4.10 -37.09 -17.01
C ALA C 106 -2.64 -37.49 -17.11
N VAL C 107 -2.38 -38.55 -17.87
CA VAL C 107 -1.03 -39.05 -18.05
C VAL C 107 -0.33 -38.25 -19.13
N LEU C 108 0.95 -37.95 -18.92
CA LEU C 108 1.85 -37.45 -19.96
C LEU C 108 2.95 -38.48 -20.16
N ALA C 109 2.67 -39.49 -20.97
CA ALA C 109 3.61 -40.56 -21.25
C ALA C 109 4.59 -40.10 -22.31
N LEU C 110 5.80 -39.74 -21.90
CA LEU C 110 6.81 -39.32 -22.83
C LEU C 110 7.41 -40.53 -23.54
N SER C 111 8.01 -40.28 -24.69
CA SER C 111 8.55 -41.35 -25.53
C SER C 111 9.45 -40.72 -26.59
N SER C 112 9.89 -41.55 -27.53
CA SER C 112 10.73 -41.13 -28.63
C SER C 112 9.89 -41.00 -29.90
N ASP C 113 10.56 -40.79 -31.04
CA ASP C 113 9.90 -40.67 -32.32
C ASP C 113 10.43 -41.65 -33.36
N LYS C 114 11.60 -42.23 -33.15
CA LYS C 114 12.16 -43.25 -34.02
C LYS C 114 12.19 -44.60 -33.30
N GLY C 115 12.80 -45.59 -33.97
CA GLY C 115 13.03 -46.89 -33.38
C GLY C 115 14.49 -47.06 -33.02
N LEU C 116 14.97 -48.29 -33.02
CA LEU C 116 16.37 -48.59 -32.72
C LEU C 116 16.78 -48.12 -31.34
N CYS C 117 15.82 -48.01 -30.42
CA CYS C 117 16.07 -47.44 -29.10
C CYS C 117 15.99 -48.49 -28.00
N GLY C 118 16.03 -49.75 -28.35
CA GLY C 118 15.86 -50.80 -27.36
C GLY C 118 14.39 -51.00 -27.07
N GLY C 119 14.06 -51.08 -25.79
CA GLY C 119 12.67 -51.27 -25.38
C GLY C 119 12.20 -50.21 -24.42
N VAL C 120 12.92 -49.09 -24.38
CA VAL C 120 12.57 -48.02 -23.44
C VAL C 120 11.11 -47.62 -23.60
N ASN C 121 10.67 -47.45 -24.85
CA ASN C 121 9.26 -47.16 -25.09
C ASN C 121 8.38 -48.32 -24.66
N SER C 122 8.90 -49.54 -24.76
CA SER C 122 8.15 -50.69 -24.26
C SER C 122 7.93 -50.59 -22.76
N PHE C 123 8.98 -50.22 -22.01
CA PHE C 123 8.86 -50.11 -20.57
C PHE C 123 7.92 -48.97 -20.19
N VAL C 124 8.05 -47.83 -20.88
CA VAL C 124 7.11 -46.72 -20.65
C VAL C 124 5.68 -47.18 -20.85
N ALA C 125 5.40 -47.78 -22.01
CA ALA C 125 4.03 -48.23 -22.29
C ALA C 125 3.56 -49.26 -21.29
N LYS C 126 4.45 -50.12 -20.81
CA LYS C 126 4.09 -51.09 -19.79
C LYS C 126 3.62 -50.38 -18.52
N GLN C 127 4.44 -49.47 -18.02
CA GLN C 127 4.07 -48.73 -16.81
C GLN C 127 2.75 -47.99 -17.01
N ALA C 128 2.53 -47.42 -18.20
CA ALA C 128 1.31 -46.66 -18.44
C ALA C 128 0.10 -47.58 -18.48
N ARG C 129 0.23 -48.74 -19.14
CA ARG C 129 -0.85 -49.72 -19.13
C ARG C 129 -1.22 -50.12 -17.71
N ILE C 130 -0.22 -50.42 -16.89
CA ILE C 130 -0.49 -50.79 -15.50
C ILE C 130 -1.21 -49.66 -14.78
N VAL C 131 -0.68 -48.44 -14.90
CA VAL C 131 -1.26 -47.31 -14.17
C VAL C 131 -2.70 -47.08 -14.58
N ILE C 132 -3.01 -47.25 -15.87
CA ILE C 132 -4.37 -46.99 -16.33
C ILE C 132 -5.31 -48.11 -15.90
N LYS C 133 -4.88 -49.37 -16.02
CA LYS C 133 -5.70 -50.47 -15.54
C LYS C 133 -5.95 -50.37 -14.04
N GLU C 134 -5.05 -49.69 -13.32
CA GLU C 134 -5.29 -49.44 -11.90
C GLU C 134 -6.30 -48.32 -11.73
N ASN C 135 -6.01 -47.14 -12.28
CA ASN C 135 -6.84 -45.97 -12.02
C ASN C 135 -8.24 -46.10 -12.60
N GLU C 136 -8.48 -47.08 -13.48
CA GLU C 136 -9.83 -47.32 -13.97
C GLU C 136 -10.61 -48.31 -13.12
N MET C 137 -9.95 -49.29 -12.51
CA MET C 137 -10.66 -50.16 -11.57
C MET C 137 -11.14 -49.38 -10.36
N ALA C 138 -10.42 -48.32 -9.99
CA ALA C 138 -10.83 -47.45 -8.90
C ALA C 138 -11.96 -46.50 -9.29
N GLY C 139 -12.31 -46.44 -10.58
CA GLY C 139 -13.43 -45.63 -11.02
C GLY C 139 -13.08 -44.27 -11.54
N ASN C 140 -11.80 -43.91 -11.58
CA ASN C 140 -11.39 -42.58 -12.01
C ASN C 140 -11.31 -42.52 -13.53
N ALA C 141 -11.98 -41.54 -14.12
CA ALA C 141 -11.84 -41.28 -15.54
C ALA C 141 -10.37 -41.06 -15.88
N VAL C 142 -10.06 -41.18 -17.17
CA VAL C 142 -8.67 -41.16 -17.61
C VAL C 142 -8.54 -40.40 -18.93
N GLN C 143 -7.34 -39.87 -19.14
CA GLN C 143 -6.97 -39.16 -20.34
C GLN C 143 -5.48 -39.38 -20.54
N VAL C 144 -5.06 -39.55 -21.79
CA VAL C 144 -3.68 -39.89 -22.10
C VAL C 144 -3.12 -38.83 -23.02
N TYR C 145 -2.09 -38.14 -22.55
CA TYR C 145 -1.27 -37.26 -23.34
C TYR C 145 0.03 -38.00 -23.67
N GLY C 146 0.70 -37.55 -24.72
CA GLY C 146 1.87 -38.25 -25.17
C GLY C 146 2.85 -37.35 -25.90
N VAL C 147 4.03 -37.91 -26.15
CA VAL C 147 5.05 -37.26 -26.95
C VAL C 147 5.72 -38.36 -27.76
N GLY C 148 5.50 -38.36 -29.06
CA GLY C 148 6.07 -39.35 -29.94
C GLY C 148 5.02 -40.23 -30.58
N ASP C 149 5.29 -40.71 -31.79
CA ASP C 149 4.38 -41.63 -32.47
C ASP C 149 4.59 -43.07 -32.04
N LYS C 150 5.68 -43.37 -31.34
CA LYS C 150 5.92 -44.72 -30.85
C LYS C 150 4.90 -45.10 -29.78
N ILE C 151 4.65 -44.20 -28.83
CA ILE C 151 3.62 -44.46 -27.82
C ILE C 151 2.27 -44.66 -28.49
N ARG C 152 1.98 -43.85 -29.52
CA ARG C 152 0.74 -44.02 -30.27
C ARG C 152 0.64 -45.42 -30.83
N SER C 153 1.64 -45.82 -31.63
CA SER C 153 1.65 -47.17 -32.19
C SER C 153 1.55 -48.23 -31.12
N ALA C 154 2.03 -47.94 -29.90
CA ALA C 154 2.05 -48.91 -28.83
C ALA C 154 0.76 -48.95 -28.01
N LEU C 155 -0.10 -47.94 -28.17
CA LEU C 155 -1.35 -47.90 -27.41
C LEU C 155 -2.57 -47.52 -28.24
N GLN C 156 -2.41 -47.11 -29.50
CA GLN C 156 -3.54 -46.70 -30.32
C GLN C 156 -4.65 -47.74 -30.37
N ARG C 157 -4.32 -49.01 -30.16
CA ARG C 157 -5.28 -50.10 -30.27
C ARG C 157 -5.88 -50.52 -28.93
N THR C 158 -5.07 -50.56 -27.88
CA THR C 158 -5.55 -51.02 -26.58
C THR C 158 -6.24 -49.90 -25.81
N PHE C 159 -5.74 -48.68 -25.93
CA PHE C 159 -6.27 -47.53 -25.20
C PHE C 159 -6.43 -46.33 -26.13
N GLY C 160 -7.04 -46.55 -27.28
CA GLY C 160 -7.23 -45.50 -28.26
C GLY C 160 -8.46 -44.67 -28.06
N ASP C 161 -9.32 -45.05 -27.13
CA ASP C 161 -10.52 -44.31 -26.81
C ASP C 161 -10.30 -43.27 -25.73
N ARG C 162 -9.11 -43.23 -25.14
CA ARG C 162 -8.83 -42.37 -24.00
C ARG C 162 -7.91 -41.21 -24.34
N PHE C 163 -7.28 -41.20 -25.51
CA PHE C 163 -6.39 -40.11 -25.84
C PHE C 163 -7.13 -38.77 -25.76
N LYS C 164 -6.34 -37.71 -25.60
CA LYS C 164 -6.86 -36.35 -25.68
C LYS C 164 -5.96 -35.42 -26.47
N ARG C 165 -4.67 -35.72 -26.61
CA ARG C 165 -3.76 -34.90 -27.38
C ARG C 165 -2.42 -35.63 -27.46
N ILE C 166 -1.71 -35.40 -28.57
CA ILE C 166 -0.46 -36.10 -28.85
C ILE C 166 0.39 -35.21 -29.73
N MET C 167 1.71 -35.40 -29.65
CA MET C 167 2.67 -34.52 -30.28
C MET C 167 3.75 -35.36 -30.95
N THR C 168 4.29 -34.85 -32.06
CA THR C 168 5.28 -35.57 -32.84
C THR C 168 6.23 -34.56 -33.49
N GLU C 169 7.22 -35.08 -34.20
CA GLU C 169 8.26 -34.29 -34.86
C GLU C 169 8.97 -33.38 -33.87
N VAL C 170 8.91 -33.71 -32.59
CA VAL C 170 9.43 -32.83 -31.56
C VAL C 170 10.93 -32.61 -31.72
N THR C 171 11.71 -33.70 -31.62
CA THR C 171 13.16 -33.61 -31.57
C THR C 171 13.80 -33.50 -32.94
N ARG C 172 13.03 -33.15 -33.97
CA ARG C 172 13.63 -32.85 -35.27
C ARG C 172 14.73 -31.81 -35.10
N PHE C 173 14.47 -30.81 -34.28
CA PHE C 173 15.41 -29.79 -33.89
C PHE C 173 15.79 -29.97 -32.43
N PRO C 174 16.88 -29.35 -31.98
CA PRO C 174 17.32 -29.52 -30.58
C PRO C 174 16.22 -29.15 -29.60
N TRP C 175 16.37 -29.67 -28.38
CA TRP C 175 15.40 -29.40 -27.33
C TRP C 175 15.55 -27.98 -26.81
N ASN C 176 14.41 -27.36 -26.51
CA ASN C 176 14.35 -25.96 -26.12
C ASN C 176 13.25 -25.78 -25.09
N PHE C 177 13.08 -24.54 -24.63
CA PHE C 177 12.06 -24.22 -23.65
C PHE C 177 10.71 -23.96 -24.29
N GLY C 178 10.68 -23.59 -25.57
CA GLY C 178 9.41 -23.29 -26.21
C GLY C 178 8.56 -24.53 -26.40
N GLN C 179 9.18 -25.61 -26.88
CA GLN C 179 8.46 -26.86 -27.08
C GLN C 179 7.95 -27.44 -25.78
N ALA C 180 8.42 -26.95 -24.64
CA ALA C 180 7.91 -27.40 -23.35
C ALA C 180 6.81 -26.47 -22.85
N CYS C 181 7.00 -25.16 -23.03
CA CYS C 181 5.97 -24.21 -22.67
C CYS C 181 4.68 -24.51 -23.41
N ILE C 182 4.79 -24.87 -24.69
CA ILE C 182 3.58 -25.15 -25.47
C ILE C 182 2.80 -26.30 -24.87
N ILE C 183 3.49 -27.40 -24.56
CA ILE C 183 2.80 -28.57 -24.02
C ILE C 183 2.22 -28.26 -22.65
N ALA C 184 2.96 -27.49 -21.84
CA ALA C 184 2.45 -27.08 -20.54
C ALA C 184 1.17 -26.27 -20.70
N ASP C 185 1.14 -25.37 -21.68
CA ASP C 185 -0.06 -24.58 -21.92
C ASP C 185 -1.21 -25.47 -22.36
N ARG C 186 -0.93 -26.48 -23.18
CA ARG C 186 -1.99 -27.39 -23.61
C ARG C 186 -2.58 -28.12 -22.42
N LEU C 187 -1.75 -28.46 -21.44
CA LEU C 187 -2.29 -29.09 -20.24
C LEU C 187 -3.10 -28.09 -19.42
N MET C 188 -2.52 -26.93 -19.13
CA MET C 188 -3.24 -25.96 -18.32
C MET C 188 -4.60 -25.68 -18.94
N GLN C 189 -4.64 -25.40 -20.24
CA GLN C 189 -5.90 -25.16 -20.92
C GLN C 189 -6.82 -26.37 -20.82
N ASP C 190 -6.24 -27.56 -20.67
CA ASP C 190 -7.03 -28.78 -20.54
C ASP C 190 -7.05 -29.25 -19.09
N ASN C 191 -7.16 -28.29 -18.18
CA ASN C 191 -6.88 -28.46 -16.75
C ASN C 191 -7.50 -29.74 -16.19
N PRO C 192 -6.69 -30.75 -15.89
CA PRO C 192 -7.21 -31.93 -15.20
C PRO C 192 -7.04 -31.82 -13.70
N ALA C 193 -7.74 -32.70 -12.99
CA ALA C 193 -7.71 -32.64 -11.53
C ALA C 193 -6.36 -33.12 -10.98
N ARG C 194 -5.77 -34.11 -11.63
CA ARG C 194 -4.51 -34.68 -11.19
C ARG C 194 -3.73 -35.12 -12.41
N LEU C 195 -2.42 -35.03 -12.32
CA LEU C 195 -1.53 -35.25 -13.45
C LEU C 195 -0.53 -36.33 -13.09
N MET C 196 0.23 -36.75 -14.10
CA MET C 196 1.29 -37.73 -13.92
C MET C 196 2.17 -37.70 -15.15
N VAL C 197 3.43 -38.03 -14.96
CA VAL C 197 4.44 -37.98 -16.01
C VAL C 197 5.26 -39.25 -15.89
N ILE C 198 5.74 -39.74 -17.03
CA ILE C 198 6.49 -40.98 -17.08
C ILE C 198 7.70 -40.75 -17.96
N TYR C 199 8.81 -41.36 -17.59
CA TYR C 199 10.04 -41.05 -18.32
C TYR C 199 11.15 -41.98 -17.87
N ASN C 200 12.29 -41.87 -18.53
CA ASN C 200 13.43 -42.76 -18.32
C ASN C 200 14.60 -41.91 -17.85
N HIS C 201 14.78 -41.86 -16.54
CA HIS C 201 15.91 -41.16 -15.97
C HIS C 201 17.22 -41.79 -16.43
N PHE C 202 18.21 -40.95 -16.69
CA PHE C 202 19.47 -41.35 -17.29
C PHE C 202 20.52 -41.51 -16.20
N LYS C 203 20.49 -42.67 -15.53
CA LYS C 203 21.42 -42.93 -14.44
C LYS C 203 22.85 -42.94 -14.95
N SER C 204 23.16 -43.86 -15.85
CA SER C 204 24.51 -44.01 -16.39
C SER C 204 24.42 -44.31 -17.88
N ALA C 205 25.55 -44.17 -18.56
CA ALA C 205 25.64 -44.37 -20.00
C ALA C 205 25.36 -45.81 -20.44
N VAL C 206 25.12 -46.72 -19.51
CA VAL C 206 24.80 -48.11 -19.84
C VAL C 206 23.55 -48.60 -19.14
N ALA C 207 22.87 -47.76 -18.37
CA ALA C 207 21.68 -48.17 -17.65
C ALA C 207 20.83 -46.96 -17.34
N TYR C 208 19.52 -47.17 -17.30
CA TYR C 208 18.55 -46.11 -17.05
C TYR C 208 17.61 -46.52 -15.91
N ASP C 209 16.56 -45.76 -15.69
CA ASP C 209 15.56 -46.13 -14.69
C ASP C 209 14.27 -45.41 -15.02
N THR C 210 13.22 -46.16 -15.33
CA THR C 210 11.93 -45.54 -15.59
C THR C 210 11.30 -45.03 -14.30
N LEU C 211 10.57 -43.93 -14.43
CA LEU C 211 9.97 -43.24 -13.29
C LEU C 211 8.58 -42.77 -13.65
N THR C 212 7.84 -42.41 -12.61
CA THR C 212 6.51 -41.81 -12.69
C THR C 212 6.44 -40.67 -11.69
N LEU C 213 6.58 -39.45 -12.19
CA LEU C 213 6.44 -38.25 -11.38
C LEU C 213 4.98 -37.87 -11.24
N ASN C 214 4.48 -37.86 -10.01
CA ASN C 214 3.23 -37.18 -9.75
C ASN C 214 3.49 -35.68 -9.76
N VAL C 215 2.46 -34.91 -10.08
CA VAL C 215 2.59 -33.47 -10.26
C VAL C 215 1.44 -32.78 -9.57
N LEU C 216 1.70 -31.57 -9.08
CA LEU C 216 0.75 -30.81 -8.31
C LEU C 216 -0.06 -29.91 -9.25
N THR C 217 -1.35 -30.19 -9.36
CA THR C 217 -2.25 -29.42 -10.19
C THR C 217 -2.95 -28.34 -9.38
N PRO C 218 -3.50 -27.32 -10.04
CA PRO C 218 -4.20 -26.26 -9.31
C PRO C 218 -5.29 -26.77 -8.39
N THR C 219 -5.98 -27.83 -8.77
CA THR C 219 -7.07 -28.34 -7.95
C THR C 219 -6.56 -29.05 -6.71
N GLN C 220 -5.38 -29.66 -6.78
CA GLN C 220 -4.76 -30.22 -5.59
C GLN C 220 -4.16 -29.12 -4.71
N ALA C 221 -3.90 -27.94 -5.27
CA ALA C 221 -3.30 -26.85 -4.52
C ALA C 221 -4.35 -26.05 -3.76
N ALA C 222 -5.43 -25.67 -4.45
CA ALA C 222 -6.51 -24.94 -3.80
C ALA C 222 -7.07 -25.66 -2.59
N GLN C 223 -6.89 -26.98 -2.51
CA GLN C 223 -7.30 -27.75 -1.34
C GLN C 223 -6.25 -27.77 -0.25
N SER C 224 -5.22 -26.93 -0.35
CA SER C 224 -4.16 -26.84 0.65
C SER C 224 -3.84 -25.38 0.89
N ALA C 225 -3.87 -24.98 2.17
CA ALA C 225 -3.46 -23.64 2.53
C ALA C 225 -1.96 -23.40 2.37
N LYS C 226 -1.19 -24.42 1.99
CA LYS C 226 0.22 -24.25 1.62
C LYS C 226 1.05 -23.84 2.84
N GLU C 227 0.76 -24.45 3.98
CA GLU C 227 1.46 -24.16 5.22
C GLU C 227 2.90 -24.68 5.22
N GLN C 228 3.30 -25.41 4.19
CA GLN C 228 4.66 -25.93 4.11
C GLN C 228 5.64 -24.91 3.54
N LEU C 229 5.14 -23.94 2.79
CA LEU C 229 5.97 -22.92 2.17
C LEU C 229 6.01 -21.62 2.97
N ASN C 230 5.28 -21.54 4.08
CA ASN C 230 5.25 -20.32 4.86
C ASN C 230 6.62 -19.91 5.37
N THR C 231 7.60 -20.82 5.33
CA THR C 231 8.97 -20.42 5.63
C THR C 231 9.46 -19.36 4.66
N PHE C 232 8.92 -19.36 3.45
CA PHE C 232 9.41 -18.52 2.36
C PHE C 232 8.66 -17.19 2.33
N GLU C 233 9.35 -16.17 1.86
CA GLU C 233 8.80 -14.83 1.69
C GLU C 233 8.66 -14.58 0.20
N PHE C 234 7.43 -14.62 -0.31
CA PHE C 234 7.17 -14.36 -1.71
C PHE C 234 7.03 -12.86 -1.92
N GLU C 235 7.91 -12.30 -2.75
CA GLU C 235 7.96 -10.85 -2.91
C GLU C 235 6.60 -10.30 -3.30
N PRO C 236 5.99 -10.71 -4.42
CA PRO C 236 4.55 -10.58 -4.52
C PRO C 236 3.89 -11.63 -3.64
N GLU C 237 2.70 -11.31 -3.15
CA GLU C 237 2.02 -12.19 -2.21
C GLU C 237 1.69 -13.52 -2.87
N LYS C 238 1.71 -14.58 -2.05
CA LYS C 238 1.46 -15.95 -2.52
C LYS C 238 0.36 -16.03 -3.56
N THR C 239 -0.77 -15.39 -3.30
CA THR C 239 -1.90 -15.46 -4.21
C THR C 239 -1.66 -14.68 -5.49
N ASP C 240 -0.60 -13.88 -5.56
CA ASP C 240 -0.27 -13.13 -6.77
C ASP C 240 0.90 -13.72 -7.54
N VAL C 241 1.58 -14.72 -6.97
CA VAL C 241 2.73 -15.34 -7.62
C VAL C 241 2.54 -16.83 -7.86
N TRP C 242 1.54 -17.46 -7.23
CA TRP C 242 1.36 -18.90 -7.36
C TRP C 242 0.91 -19.27 -8.76
N LYS C 243 0.00 -18.49 -9.35
CA LYS C 243 -0.49 -18.82 -10.68
C LYS C 243 0.61 -18.78 -11.73
N ASP C 244 1.69 -18.05 -11.49
CA ASP C 244 2.82 -18.01 -12.41
C ASP C 244 3.89 -19.01 -12.04
N LEU C 245 3.93 -19.40 -10.76
CA LEU C 245 4.94 -20.34 -10.33
C LEU C 245 4.53 -21.75 -10.72
N GLN C 246 3.23 -22.04 -10.68
CA GLN C 246 2.78 -23.37 -11.07
C GLN C 246 3.09 -23.62 -12.55
N ASP C 247 2.93 -22.59 -13.38
CA ASP C 247 3.21 -22.73 -14.80
C ASP C 247 4.70 -22.90 -15.04
N PHE C 248 5.53 -22.10 -14.39
CA PHE C 248 6.96 -22.33 -14.46
C PHE C 248 7.31 -23.74 -14.01
N TYR C 249 6.62 -24.25 -12.99
CA TYR C 249 6.86 -25.59 -12.49
C TYR C 249 6.56 -26.63 -13.57
N TYR C 250 5.40 -26.50 -14.22
CA TYR C 250 5.07 -27.43 -15.30
C TYR C 250 6.12 -27.42 -16.39
N ALA C 251 6.54 -26.22 -16.81
CA ALA C 251 7.52 -26.13 -17.89
C ALA C 251 8.83 -26.78 -17.49
N CYS C 252 9.33 -26.49 -16.29
CA CYS C 252 10.60 -27.09 -15.85
C CYS C 252 10.48 -28.60 -15.72
N THR C 253 9.34 -29.07 -15.21
CA THR C 253 9.08 -30.51 -15.15
C THR C 253 9.25 -31.15 -16.51
N VAL C 254 8.47 -30.68 -17.50
CA VAL C 254 8.54 -31.26 -18.84
C VAL C 254 9.96 -31.19 -19.39
N PHE C 255 10.62 -30.05 -19.20
CA PHE C 255 12.01 -29.89 -19.64
C PHE C 255 12.87 -31.03 -19.13
N GLY C 256 12.94 -31.19 -17.81
CA GLY C 256 13.80 -32.20 -17.22
C GLY C 256 13.43 -33.60 -17.68
N CYS C 257 12.13 -33.92 -17.67
CA CYS C 257 11.70 -35.25 -18.05
C CYS C 257 12.12 -35.59 -19.47
N MET C 258 11.86 -34.68 -20.42
CA MET C 258 12.19 -34.98 -21.79
C MET C 258 13.69 -35.05 -22.00
N LEU C 259 14.47 -34.20 -21.32
CA LEU C 259 15.91 -34.31 -21.48
C LEU C 259 16.41 -35.68 -21.03
N ASP C 260 15.91 -36.16 -19.89
CA ASP C 260 16.32 -37.48 -19.42
C ASP C 260 15.89 -38.57 -20.38
N ASN C 261 14.66 -38.47 -20.90
CA ASN C 261 14.16 -39.45 -21.86
C ASN C 261 15.04 -39.50 -23.10
N ILE C 262 15.42 -38.33 -23.62
CA ILE C 262 16.26 -38.28 -24.81
C ILE C 262 17.58 -38.97 -24.55
N ALA C 263 18.22 -38.63 -23.42
CA ALA C 263 19.52 -39.22 -23.14
C ALA C 263 19.42 -40.73 -23.01
N SER C 264 18.36 -41.23 -22.38
CA SER C 264 18.19 -42.67 -22.24
C SER C 264 17.98 -43.34 -23.60
N GLU C 265 17.08 -42.77 -24.42
CA GLU C 265 16.91 -43.23 -25.79
C GLU C 265 18.25 -43.38 -26.49
N GLN C 266 19.03 -42.30 -26.52
CA GLN C 266 20.30 -42.32 -27.24
C GLN C 266 21.24 -43.38 -26.67
N SER C 267 21.36 -43.45 -25.34
CA SER C 267 22.22 -44.47 -24.77
C SER C 267 21.81 -45.86 -25.20
N ALA C 268 20.50 -46.09 -25.37
CA ALA C 268 20.05 -47.38 -25.86
C ALA C 268 20.45 -47.59 -27.31
N ARG C 269 20.26 -46.56 -28.15
CA ARG C 269 20.60 -46.67 -29.57
C ARG C 269 22.03 -47.13 -29.76
N MET C 270 22.95 -46.67 -28.92
CA MET C 270 24.34 -47.06 -28.95
C MET C 270 24.58 -48.45 -28.35
N SER C 271 23.54 -49.24 -28.16
CA SER C 271 23.71 -50.64 -27.80
C SER C 271 24.20 -51.43 -29.00
N PHE D 41 31.63 -25.98 4.25
CA PHE D 41 32.53 -25.29 3.33
C PHE D 41 32.94 -23.94 3.93
N LYS D 42 32.45 -22.83 3.36
CA LYS D 42 32.74 -21.51 3.88
C LYS D 42 31.46 -20.68 3.90
N ASN D 43 31.56 -19.49 4.49
CA ASN D 43 30.40 -18.61 4.65
C ASN D 43 30.40 -17.55 3.55
N GLN D 44 30.14 -18.01 2.34
CA GLN D 44 30.06 -17.21 1.14
C GLN D 44 28.68 -17.42 0.52
N LEU D 45 28.35 -16.63 -0.50
CA LEU D 45 27.06 -16.76 -1.17
C LEU D 45 27.27 -17.65 -2.39
N LEU D 46 26.70 -18.85 -2.35
CA LEU D 46 26.86 -19.82 -3.44
C LEU D 46 25.81 -19.54 -4.50
N LEU D 47 26.17 -18.63 -5.40
CA LEU D 47 25.30 -18.26 -6.51
C LEU D 47 25.27 -19.36 -7.55
N THR D 48 24.10 -19.53 -8.17
CA THR D 48 23.96 -20.37 -9.35
C THR D 48 23.02 -19.63 -10.29
N LEU D 49 23.53 -19.29 -11.46
CA LEU D 49 22.83 -18.47 -12.43
C LEU D 49 22.60 -19.30 -13.67
N SER D 50 21.33 -19.57 -13.98
CA SER D 50 20.96 -20.64 -14.88
C SER D 50 20.01 -20.13 -15.94
N SER D 51 20.34 -20.41 -17.19
CA SER D 51 19.42 -20.33 -18.31
C SER D 51 19.13 -21.74 -18.80
N PRO D 52 18.04 -21.92 -19.56
CA PRO D 52 17.71 -23.28 -19.99
C PRO D 52 18.79 -23.91 -20.83
N SER D 53 19.60 -23.11 -21.52
CA SER D 53 20.55 -23.58 -22.51
C SER D 53 21.99 -23.52 -22.07
N GLU D 54 22.34 -22.60 -21.16
CA GLU D 54 23.73 -22.47 -20.70
C GLU D 54 23.72 -21.99 -19.26
N ALA D 55 24.12 -22.86 -18.35
CA ALA D 55 24.33 -22.48 -16.96
C ALA D 55 25.69 -21.81 -16.83
N ILE D 56 25.69 -20.54 -16.42
CA ILE D 56 26.94 -19.79 -16.36
C ILE D 56 27.64 -20.01 -15.03
N TYR D 57 26.87 -20.20 -13.97
CA TYR D 57 27.40 -20.54 -12.65
C TYR D 57 26.61 -21.73 -12.13
N VAL D 58 27.21 -22.48 -11.20
CA VAL D 58 26.54 -23.63 -10.63
C VAL D 58 26.55 -23.53 -9.11
N ARG D 59 27.73 -23.35 -8.54
CA ARG D 59 27.89 -23.17 -7.10
C ARG D 59 28.95 -22.13 -6.82
N THR D 60 29.01 -21.10 -7.65
CA THR D 60 30.13 -20.19 -7.59
C THR D 60 30.04 -19.31 -6.34
N PRO D 61 31.13 -19.09 -5.63
CA PRO D 61 31.07 -18.24 -4.44
C PRO D 61 31.20 -16.77 -4.81
N VAL D 62 30.32 -15.96 -4.24
CA VAL D 62 30.30 -14.53 -4.49
C VAL D 62 29.98 -13.81 -3.19
N ARG D 63 30.19 -12.50 -3.22
CA ARG D 63 29.93 -11.60 -2.11
C ARG D 63 28.54 -11.00 -2.21
N SER D 64 28.19 -10.44 -3.37
CA SER D 64 26.92 -9.73 -3.48
C SER D 64 26.30 -9.94 -4.84
N VAL D 65 24.98 -10.01 -4.86
CA VAL D 65 24.23 -10.12 -6.11
C VAL D 65 23.16 -9.06 -6.11
N THR D 66 22.83 -8.56 -7.30
CA THR D 66 21.68 -7.71 -7.52
C THR D 66 20.80 -8.38 -8.55
N VAL D 67 19.49 -8.29 -8.33
CA VAL D 67 18.50 -8.92 -9.20
C VAL D 67 17.27 -8.03 -9.29
N PRO D 68 16.75 -7.78 -10.49
CA PRO D 68 15.60 -6.88 -10.65
C PRO D 68 14.25 -7.53 -10.39
N GLY D 69 13.83 -7.58 -9.14
CA GLY D 69 12.54 -8.16 -8.81
C GLY D 69 11.40 -7.43 -9.49
N SER D 70 10.17 -7.90 -9.25
CA SER D 70 9.01 -7.27 -9.87
C SER D 70 8.71 -5.93 -9.21
N GLU D 71 8.61 -5.92 -7.88
CA GLU D 71 8.49 -4.65 -7.16
C GLU D 71 9.65 -3.72 -7.51
N GLY D 72 10.86 -4.15 -7.18
CA GLY D 72 12.04 -3.43 -7.60
C GLY D 72 13.28 -4.26 -7.39
N ALA D 73 14.42 -3.65 -7.61
CA ALA D 73 15.68 -4.35 -7.43
C ALA D 73 15.78 -4.91 -6.02
N MET D 74 16.68 -5.86 -5.85
CA MET D 74 16.96 -6.42 -4.54
C MET D 74 18.35 -7.03 -4.57
N THR D 75 19.09 -6.82 -3.48
CA THR D 75 20.45 -7.26 -3.35
C THR D 75 20.52 -8.37 -2.32
N MET D 76 21.26 -9.42 -2.68
CA MET D 76 21.36 -10.65 -1.91
C MET D 76 22.79 -10.89 -1.47
N THR D 77 22.92 -11.27 -0.20
CA THR D 77 24.19 -11.58 0.43
C THR D 77 23.94 -12.73 1.40
N ASN D 78 24.94 -13.05 2.21
CA ASN D 78 24.74 -14.04 3.26
C ASN D 78 23.85 -13.44 4.35
N GLY D 79 23.15 -14.31 5.06
CA GLY D 79 22.26 -13.88 6.13
C GLY D 79 20.86 -13.55 5.65
N HIS D 80 20.73 -13.11 4.40
CA HIS D 80 19.44 -12.75 3.86
C HIS D 80 18.43 -13.87 4.11
N SER D 81 17.16 -13.51 4.16
CA SER D 81 16.11 -14.42 4.54
C SER D 81 15.65 -15.31 3.40
N GLN D 82 15.27 -16.53 3.73
CA GLN D 82 14.66 -17.44 2.77
C GLN D 82 13.56 -16.72 2.02
N THR D 83 13.74 -16.54 0.71
CA THR D 83 12.77 -15.77 -0.05
C THR D 83 12.62 -16.34 -1.45
N VAL D 84 11.57 -15.88 -2.11
CA VAL D 84 11.32 -16.19 -3.50
C VAL D 84 10.83 -14.91 -4.15
N ALA D 85 11.07 -14.78 -5.45
CA ALA D 85 10.63 -13.56 -6.11
C ALA D 85 10.54 -13.80 -7.60
N ARG D 86 9.60 -13.13 -8.22
CA ARG D 86 9.47 -13.11 -9.67
C ARG D 86 10.26 -11.93 -10.21
N LEU D 87 10.87 -12.13 -11.37
CA LEU D 87 11.64 -11.10 -12.04
C LEU D 87 10.83 -10.62 -13.24
N LYS D 88 11.22 -9.48 -13.77
CA LYS D 88 10.49 -8.90 -14.89
C LYS D 88 11.40 -8.54 -16.05
N ALA D 89 12.60 -8.05 -15.78
CA ALA D 89 13.61 -7.71 -16.77
C ALA D 89 14.78 -7.13 -15.99
N GLY D 90 15.87 -6.89 -16.69
CA GLY D 90 16.91 -6.04 -16.14
C GLY D 90 18.25 -6.75 -16.06
N GLU D 91 19.23 -6.01 -15.56
CA GLU D 91 20.62 -6.43 -15.60
C GLU D 91 21.05 -6.89 -14.20
N ILE D 92 20.98 -8.21 -14.01
CA ILE D 92 21.62 -8.83 -12.86
C ILE D 92 23.05 -8.35 -12.76
N ILE D 93 23.53 -8.18 -11.53
CA ILE D 93 24.89 -7.72 -11.31
C ILE D 93 25.53 -8.58 -10.22
N VAL D 94 26.70 -9.14 -10.51
CA VAL D 94 27.36 -10.08 -9.62
C VAL D 94 28.69 -9.50 -9.20
N ARG D 95 29.03 -9.68 -7.92
CA ARG D 95 30.30 -9.20 -7.40
C ARG D 95 30.89 -10.31 -6.53
N LYS D 96 32.11 -10.72 -6.89
CA LYS D 96 32.79 -11.88 -6.33
C LYS D 96 33.63 -11.52 -5.11
N GLY D 97 33.98 -12.56 -4.35
CA GLY D 97 34.83 -12.37 -3.19
C GLY D 97 36.25 -11.95 -3.57
N GLU D 98 36.80 -12.54 -4.63
CA GLU D 98 38.11 -12.13 -5.12
C GLU D 98 38.06 -10.83 -5.88
N THR D 99 36.91 -10.46 -6.43
CA THR D 99 36.79 -9.16 -7.10
C THR D 99 36.55 -8.05 -6.09
N GLY D 100 35.46 -8.15 -5.33
CA GLY D 100 35.04 -7.08 -4.44
C GLY D 100 34.47 -5.89 -5.19
N ASP D 101 35.27 -5.34 -6.11
CA ASP D 101 34.86 -4.23 -6.94
C ASP D 101 34.69 -4.60 -8.40
N GLU D 102 35.38 -5.63 -8.89
CA GLU D 102 35.14 -6.09 -10.25
C GLU D 102 33.81 -6.81 -10.32
N VAL D 103 33.02 -6.47 -11.32
CA VAL D 103 31.63 -6.91 -11.41
C VAL D 103 31.43 -7.72 -12.67
N GLU D 104 30.25 -8.31 -12.78
CA GLU D 104 29.82 -9.01 -13.98
C GLU D 104 28.34 -8.76 -14.17
N ARG D 105 27.99 -8.23 -15.33
CA ARG D 105 26.60 -7.94 -15.66
C ARG D 105 26.01 -9.07 -16.47
N PHE D 106 24.69 -9.24 -16.36
CA PHE D 106 23.99 -10.29 -17.08
C PHE D 106 22.55 -9.85 -17.24
N PHE D 107 22.12 -9.60 -18.47
CA PHE D 107 20.75 -9.20 -18.69
C PHE D 107 19.82 -10.40 -18.55
N LEU D 108 18.55 -10.09 -18.30
CA LEU D 108 17.56 -11.12 -18.01
C LEU D 108 16.20 -10.60 -18.45
N SER D 109 15.46 -11.46 -19.17
CA SER D 109 14.14 -11.11 -19.66
C SER D 109 13.08 -11.28 -18.59
N ASP D 110 12.87 -12.52 -18.13
CA ASP D 110 11.92 -12.83 -17.08
C ASP D 110 12.45 -14.00 -16.28
N GLY D 111 11.68 -14.44 -15.29
CA GLY D 111 12.06 -15.59 -14.52
C GLY D 111 11.84 -15.47 -13.03
N PHE D 112 12.63 -16.21 -12.25
CA PHE D 112 12.42 -16.33 -10.82
C PHE D 112 13.75 -16.28 -10.08
N VAL D 113 13.64 -16.20 -8.77
CA VAL D 113 14.79 -16.27 -7.87
C VAL D 113 14.33 -16.96 -6.60
N LEU D 114 15.22 -17.79 -6.06
CA LEU D 114 14.94 -18.64 -4.91
C LEU D 114 16.16 -18.58 -4.00
N PHE D 115 16.03 -17.92 -2.87
CA PHE D 115 17.13 -17.78 -1.92
C PHE D 115 16.84 -18.69 -0.75
N LYS D 116 17.68 -19.72 -0.59
CA LYS D 116 17.54 -20.75 0.43
C LYS D 116 18.67 -20.65 1.43
N SER D 117 18.33 -20.95 2.67
CA SER D 117 19.23 -20.85 3.81
C SER D 117 20.18 -22.03 3.83
N PRO D 118 21.29 -21.92 4.55
CA PRO D 118 22.27 -23.01 4.55
C PRO D 118 21.76 -24.24 5.25
N GLU D 119 22.39 -25.36 4.91
CA GLU D 119 22.26 -26.56 5.71
C GLU D 119 22.79 -26.31 7.13
N ASP D 120 22.51 -27.25 8.02
CA ASP D 120 22.86 -27.06 9.43
C ASP D 120 24.36 -26.88 9.63
N ASP D 121 25.17 -27.27 8.66
CA ASP D 121 26.63 -27.30 8.81
C ASP D 121 27.34 -26.41 7.80
N SER D 122 26.96 -26.49 6.53
CA SER D 122 27.77 -25.91 5.46
C SER D 122 28.08 -24.44 5.70
N GLY D 123 27.21 -23.73 6.42
CA GLY D 123 27.39 -22.30 6.61
C GLY D 123 27.33 -21.49 5.33
N CYS D 124 26.82 -22.07 4.25
CA CYS D 124 26.82 -21.45 2.93
C CYS D 124 25.39 -21.33 2.44
N CYS D 125 24.99 -20.11 2.08
CA CYS D 125 23.62 -19.78 1.74
C CYS D 125 23.48 -19.75 0.22
N THR D 126 22.48 -20.45 -0.30
CA THR D 126 22.42 -20.68 -1.74
C THR D 126 21.34 -19.83 -2.39
N ALA D 127 21.58 -19.47 -3.65
CA ALA D 127 20.70 -18.59 -4.41
C ALA D 127 20.58 -19.12 -5.82
N GLU D 128 19.36 -19.36 -6.26
CA GLU D 128 19.07 -19.77 -7.63
C GLU D 128 18.42 -18.62 -8.36
N VAL D 129 18.92 -18.30 -9.55
CA VAL D 129 18.40 -17.22 -10.37
C VAL D 129 18.06 -17.83 -11.71
N LEU D 130 16.78 -18.09 -11.93
CA LEU D 130 16.29 -18.89 -13.04
C LEU D 130 15.76 -17.93 -14.10
N GLY D 131 16.53 -17.73 -15.16
CA GLY D 131 16.18 -16.80 -16.20
C GLY D 131 15.97 -17.48 -17.54
N VAL D 132 14.76 -17.35 -18.07
CA VAL D 132 14.42 -17.96 -19.34
C VAL D 132 15.46 -17.62 -20.39
N GLU D 133 16.00 -16.40 -20.34
CA GLU D 133 17.01 -15.98 -21.31
C GLU D 133 17.94 -14.99 -20.60
N VAL D 134 19.08 -15.49 -20.15
CA VAL D 134 20.10 -14.68 -19.51
C VAL D 134 21.14 -14.34 -20.56
N VAL D 135 21.45 -13.05 -20.69
CA VAL D 135 22.39 -12.58 -21.70
C VAL D 135 23.46 -11.76 -21.00
N PRO D 136 24.73 -11.92 -21.35
CA PRO D 136 25.71 -10.91 -20.98
C PRO D 136 25.50 -9.63 -21.78
N VAL D 137 26.14 -8.56 -21.31
CA VAL D 137 25.87 -7.25 -21.87
C VAL D 137 26.74 -6.96 -23.09
N SER D 138 27.96 -7.52 -23.14
CA SER D 138 28.77 -7.39 -24.33
C SER D 138 28.03 -7.86 -25.58
N MET D 139 27.06 -8.75 -25.43
CA MET D 139 26.34 -9.34 -26.54
C MET D 139 24.99 -8.67 -26.80
N LEU D 140 24.89 -7.37 -26.57
CA LEU D 140 23.66 -6.63 -26.80
C LEU D 140 23.92 -5.45 -27.74
N ASP D 141 22.83 -4.93 -28.30
CA ASP D 141 22.90 -3.86 -29.29
C ASP D 141 21.78 -2.87 -29.02
N LYS D 142 21.93 -1.66 -29.57
CA LYS D 142 20.89 -0.64 -29.49
C LYS D 142 20.15 -0.40 -30.80
N GLU D 143 20.76 -0.74 -31.94
CA GLU D 143 20.09 -0.55 -33.21
C GLU D 143 18.96 -1.56 -33.40
N SER D 144 19.27 -2.85 -33.23
CA SER D 144 18.26 -3.87 -33.33
C SER D 144 17.16 -3.68 -32.30
N ALA D 145 17.51 -3.13 -31.13
CA ALA D 145 16.49 -2.84 -30.14
C ALA D 145 15.48 -1.83 -30.68
N ALA D 146 15.95 -0.69 -31.17
CA ALA D 146 15.03 0.31 -31.71
C ALA D 146 14.25 -0.24 -32.89
N THR D 147 14.89 -1.07 -33.72
CA THR D 147 14.18 -1.63 -34.87
C THR D 147 13.05 -2.55 -34.42
N ALA D 148 13.33 -3.45 -33.48
CA ALA D 148 12.28 -4.31 -32.95
C ALA D 148 11.21 -3.49 -32.24
N LEU D 149 11.59 -2.39 -31.61
CA LEU D 149 10.61 -1.52 -30.97
C LEU D 149 9.64 -0.97 -32.00
N GLN D 150 10.16 -0.43 -33.10
CA GLN D 150 9.31 0.08 -34.17
C GLN D 150 8.44 -1.02 -34.75
N GLU D 151 9.02 -2.20 -34.96
CA GLU D 151 8.24 -3.33 -35.47
C GLU D 151 7.09 -3.66 -34.54
N LEU D 152 7.35 -3.61 -33.23
CA LEU D 152 6.33 -3.94 -32.25
C LEU D 152 5.22 -2.90 -32.26
N LEU D 153 5.58 -1.62 -32.29
CA LEU D 153 4.56 -0.58 -32.31
C LEU D 153 3.73 -0.66 -33.59
N GLN D 154 4.35 -1.03 -34.70
CA GLN D 154 3.61 -1.25 -35.94
C GLN D 154 2.62 -2.39 -35.77
N GLN D 155 3.12 -3.57 -35.40
CA GLN D 155 2.25 -4.71 -35.11
C GLN D 155 1.14 -4.35 -34.13
N GLY D 156 1.37 -3.37 -33.27
CA GLY D 156 0.39 -3.01 -32.26
C GLY D 156 -0.55 -1.91 -32.68
N ALA D 157 -0.25 -1.20 -33.76
CA ALA D 157 -1.19 -0.22 -34.31
C ALA D 157 -2.57 -0.85 -34.49
N GLY D 158 -2.62 -2.07 -35.02
CA GLY D 158 -3.87 -2.81 -35.08
C GLY D 158 -4.24 -3.36 -33.72
N ALA D 159 -4.52 -2.47 -32.78
CA ALA D 159 -4.83 -2.84 -31.40
C ALA D 159 -6.30 -3.20 -31.31
N THR D 160 -6.60 -4.49 -31.34
CA THR D 160 -7.98 -4.97 -31.25
C THR D 160 -8.10 -6.01 -30.14
N ASP D 161 -7.07 -6.82 -29.96
CA ASP D 161 -7.07 -7.89 -28.98
C ASP D 161 -6.33 -7.47 -27.72
N GLU D 162 -6.71 -8.09 -26.60
CA GLU D 162 -6.08 -7.77 -25.33
C GLU D 162 -4.61 -8.14 -25.33
N TRP D 163 -4.30 -9.40 -25.65
CA TRP D 163 -2.94 -9.89 -25.58
C TRP D 163 -2.01 -9.04 -26.46
N THR D 164 -2.50 -8.59 -27.61
CA THR D 164 -1.68 -7.76 -28.48
C THR D 164 -1.26 -6.48 -27.77
N LYS D 165 -2.21 -5.78 -27.15
CA LYS D 165 -1.89 -4.53 -26.47
C LYS D 165 -0.95 -4.78 -25.29
N ALA D 166 -1.25 -5.79 -24.48
CA ALA D 166 -0.36 -6.11 -23.36
C ALA D 166 1.04 -6.42 -23.86
N ARG D 167 1.14 -7.13 -24.98
CA ARG D 167 2.44 -7.47 -25.53
C ARG D 167 3.18 -6.22 -25.96
N THR D 168 2.49 -5.32 -26.64
CA THR D 168 3.08 -4.06 -27.04
C THR D 168 3.67 -3.32 -25.85
N LEU D 169 2.89 -3.19 -24.78
CA LEU D 169 3.36 -2.44 -23.61
C LEU D 169 4.54 -3.13 -22.96
N LEU D 170 4.42 -4.43 -22.68
CA LEU D 170 5.50 -5.14 -22.02
C LEU D 170 6.78 -5.10 -22.86
N GLY D 171 6.63 -5.19 -24.18
CA GLY D 171 7.79 -5.08 -25.05
C GLY D 171 8.42 -3.71 -24.98
N GLN D 172 7.59 -2.66 -24.92
CA GLN D 172 8.13 -1.32 -24.71
C GLN D 172 9.00 -1.31 -23.46
N GLU D 173 8.49 -1.88 -22.36
CA GLU D 173 9.25 -1.88 -21.12
C GLU D 173 10.57 -2.60 -21.30
N LEU D 174 10.52 -3.82 -21.83
CA LEU D 174 11.73 -4.63 -21.97
C LEU D 174 12.77 -3.93 -22.84
N LEU D 175 12.33 -3.36 -23.96
CA LEU D 175 13.29 -2.75 -24.88
C LEU D 175 13.87 -1.47 -24.31
N SER D 176 13.07 -0.68 -23.59
CA SER D 176 13.64 0.45 -22.87
C SER D 176 14.70 -0.01 -21.89
N SER D 177 14.41 -1.07 -21.14
CA SER D 177 15.40 -1.59 -20.19
C SER D 177 16.67 -1.99 -20.90
N VAL D 178 16.54 -2.66 -22.05
CA VAL D 178 17.72 -3.08 -22.79
C VAL D 178 18.52 -1.86 -23.24
N ILE D 179 17.83 -0.87 -23.79
CA ILE D 179 18.53 0.30 -24.33
C ILE D 179 19.30 1.01 -23.22
N ARG D 180 18.66 1.20 -22.07
CA ARG D 180 19.37 1.84 -20.97
C ARG D 180 20.50 0.97 -20.43
N ALA D 181 20.36 -0.35 -20.51
CA ALA D 181 21.37 -1.27 -19.99
C ALA D 181 22.42 -1.64 -21.03
N ALA D 182 22.31 -1.15 -22.24
CA ALA D 182 23.17 -1.60 -23.32
C ALA D 182 24.34 -0.65 -23.52
N PRO D 183 25.44 -1.13 -24.15
CA PRO D 183 26.61 -0.31 -24.47
C PRO D 183 26.43 0.53 -25.74
N MET E 1 -1.20 -8.38 -15.03
CA MET E 1 -1.26 -7.97 -16.45
C MET E 1 -1.79 -9.10 -17.33
N TRP E 2 -0.86 -9.94 -17.81
CA TRP E 2 -1.24 -11.03 -18.69
C TRP E 2 -2.40 -11.84 -18.14
N ARG E 3 -2.41 -12.07 -16.82
CA ARG E 3 -3.50 -12.84 -16.21
C ARG E 3 -4.86 -12.34 -16.67
N SER E 4 -5.07 -11.01 -16.62
CA SER E 4 -6.37 -10.47 -16.98
C SER E 4 -6.67 -10.64 -18.46
N SER E 5 -5.64 -10.69 -19.29
CA SER E 5 -5.79 -10.86 -20.73
C SER E 5 -6.00 -12.31 -21.13
N GLY E 6 -6.36 -13.17 -20.18
CA GLY E 6 -6.54 -14.58 -20.45
C GLY E 6 -5.29 -15.18 -21.02
N VAL E 7 -4.22 -15.23 -20.21
CA VAL E 7 -2.90 -15.60 -20.69
C VAL E 7 -2.13 -16.25 -19.57
N SER E 8 -1.16 -17.08 -19.94
CA SER E 8 -0.28 -17.78 -19.02
C SER E 8 1.04 -17.02 -18.88
N PHE E 9 1.83 -17.45 -17.90
CA PHE E 9 3.12 -16.81 -17.68
C PHE E 9 4.15 -17.30 -18.70
N THR E 10 4.08 -18.58 -19.07
CA THR E 10 5.05 -19.12 -20.01
C THR E 10 4.94 -18.45 -21.38
N ARG E 11 3.71 -18.16 -21.80
CA ARG E 11 3.51 -17.42 -23.05
C ARG E 11 4.24 -16.09 -23.01
N TYR E 12 4.04 -15.33 -21.93
CA TYR E 12 4.73 -14.06 -21.75
C TYR E 12 6.24 -14.24 -21.79
N ALA E 13 6.76 -15.17 -20.99
CA ALA E 13 8.19 -15.41 -20.92
C ALA E 13 8.77 -15.67 -22.29
N SER E 14 8.16 -16.58 -23.04
CA SER E 14 8.70 -16.96 -24.35
C SER E 14 8.58 -15.81 -25.35
N GLU E 15 7.41 -15.19 -25.44
CA GLU E 15 7.21 -14.11 -26.39
C GLU E 15 8.02 -12.87 -26.07
N MET E 16 8.59 -12.77 -24.86
CA MET E 16 9.52 -11.70 -24.57
C MET E 16 10.97 -12.10 -24.77
N ALA E 17 11.33 -13.35 -24.44
CA ALA E 17 12.63 -13.87 -24.81
C ALA E 17 12.84 -13.77 -26.31
N ALA E 18 11.78 -13.90 -27.09
CA ALA E 18 11.91 -13.73 -28.54
C ALA E 18 12.48 -12.36 -28.87
N LEU E 19 11.84 -11.30 -28.37
CA LEU E 19 12.34 -9.95 -28.60
C LEU E 19 13.77 -9.82 -28.12
N LEU E 20 14.05 -10.29 -26.90
CA LEU E 20 15.39 -10.19 -26.36
C LEU E 20 16.41 -10.79 -27.33
N ARG E 21 16.12 -11.99 -27.85
CA ARG E 21 17.05 -12.60 -28.78
C ARG E 21 17.16 -11.78 -30.06
N GLN E 22 16.05 -11.20 -30.51
CA GLN E 22 16.10 -10.33 -31.67
C GLN E 22 16.92 -9.07 -31.41
N CYS E 23 17.22 -8.76 -30.15
CA CYS E 23 18.04 -7.60 -29.80
C CYS E 23 19.49 -7.99 -29.50
N LEU E 24 20.04 -8.95 -30.23
CA LEU E 24 21.35 -9.50 -29.95
C LEU E 24 22.31 -9.20 -31.10
N LYS E 25 23.54 -9.69 -30.97
CA LYS E 25 24.56 -9.59 -32.01
C LYS E 25 24.62 -10.90 -32.79
N GLU E 26 25.17 -10.81 -34.01
CA GLU E 26 24.98 -11.88 -34.98
C GLU E 26 25.69 -13.17 -34.58
N PRO E 27 27.01 -13.17 -34.31
CA PRO E 27 27.70 -14.43 -34.02
C PRO E 27 27.07 -15.23 -32.90
N TYR E 28 26.26 -14.58 -32.07
CA TYR E 28 25.50 -15.25 -31.02
C TYR E 28 24.01 -15.31 -31.32
N ARG E 29 23.49 -14.35 -32.07
CA ARG E 29 22.07 -14.37 -32.41
C ARG E 29 21.74 -15.54 -33.31
N THR E 30 22.58 -15.82 -34.30
CA THR E 30 22.34 -16.98 -35.16
C THR E 30 22.38 -18.26 -34.36
N GLN E 31 23.38 -18.40 -33.49
CA GLN E 31 23.44 -19.55 -32.59
C GLN E 31 22.14 -19.70 -31.81
N ALA E 32 21.71 -18.63 -31.15
CA ALA E 32 20.49 -18.67 -30.35
C ALA E 32 19.30 -19.14 -31.19
N MET E 33 18.96 -18.38 -32.23
CA MET E 33 17.85 -18.75 -33.11
C MET E 33 18.03 -20.12 -33.75
N GLN E 34 19.23 -20.69 -33.71
CA GLN E 34 19.42 -22.07 -34.12
C GLN E 34 18.98 -23.03 -33.03
N ARG E 35 19.48 -22.83 -31.81
CA ARG E 35 19.16 -23.71 -30.69
C ARG E 35 17.75 -23.53 -30.18
N ASN E 36 17.02 -22.52 -30.65
CA ASN E 36 15.67 -22.24 -30.19
C ASN E 36 14.65 -22.39 -31.32
N GLN E 37 14.92 -23.29 -32.25
CA GLN E 37 13.95 -23.57 -33.30
C GLN E 37 12.75 -24.30 -32.71
N ILE E 38 11.69 -24.38 -33.51
CA ILE E 38 10.43 -25.00 -33.05
C ILE E 38 9.80 -25.73 -34.22
N HIS E 39 9.47 -27.01 -33.99
CA HIS E 39 8.70 -27.79 -34.96
C HIS E 39 7.87 -28.82 -34.19
N LEU E 40 6.58 -28.55 -34.06
CA LEU E 40 5.66 -29.51 -33.46
C LEU E 40 4.63 -29.95 -34.49
N LYS E 41 4.00 -31.07 -34.20
CA LYS E 41 2.87 -31.59 -34.96
C LYS E 41 1.82 -32.02 -33.94
N GLU E 42 0.98 -31.07 -33.56
CA GLU E 42 -0.07 -31.35 -32.60
C GLU E 42 -1.15 -32.18 -33.25
N THR E 43 -1.63 -33.18 -32.52
CA THR E 43 -2.72 -34.03 -32.93
C THR E 43 -3.71 -34.14 -31.79
N VAL E 44 -5.00 -34.09 -32.12
CA VAL E 44 -6.06 -34.17 -31.15
C VAL E 44 -6.86 -35.44 -31.42
N TYR E 45 -7.54 -35.92 -30.39
CA TYR E 45 -8.35 -37.12 -30.49
C TYR E 45 -9.64 -36.90 -29.71
N GLN E 46 -10.64 -37.73 -30.03
CA GLN E 46 -11.89 -37.75 -29.30
C GLN E 46 -12.50 -39.14 -29.49
N GLN E 47 -12.28 -40.01 -28.52
CA GLN E 47 -12.64 -41.42 -28.64
C GLN E 47 -11.99 -42.03 -29.88
N GLY E 48 -10.76 -41.61 -30.16
CA GLY E 48 -10.22 -41.81 -31.50
C GLY E 48 -10.71 -40.71 -32.43
N GLN E 49 -10.78 -41.03 -33.71
CA GLN E 49 -11.42 -40.17 -34.70
C GLN E 49 -10.87 -38.74 -34.62
N VAL E 50 -9.62 -38.62 -35.06
CA VAL E 50 -8.85 -37.38 -35.02
C VAL E 50 -9.71 -36.19 -35.45
N LEU E 51 -9.61 -35.10 -34.70
CA LEU E 51 -10.27 -33.84 -35.05
C LEU E 51 -9.38 -32.90 -35.82
N THR E 52 -8.06 -33.04 -35.73
CA THR E 52 -7.14 -32.15 -36.42
C THR E 52 -5.70 -32.58 -36.25
N ARG E 53 -4.86 -32.22 -37.23
CA ARG E 53 -3.41 -32.36 -37.12
C ARG E 53 -2.78 -31.10 -37.69
N GLU E 54 -2.06 -30.37 -36.85
CA GLU E 54 -1.55 -29.05 -37.22
C GLU E 54 -0.08 -28.95 -36.86
N THR E 55 0.71 -28.46 -37.80
CA THR E 55 2.13 -28.23 -37.58
C THR E 55 2.37 -26.83 -37.05
N PHE E 56 3.45 -26.67 -36.30
CA PHE E 56 3.80 -25.41 -35.67
C PHE E 56 5.29 -25.18 -35.86
N ASN E 57 5.63 -24.19 -36.67
CA ASN E 57 7.02 -23.80 -36.90
C ASN E 57 7.44 -22.58 -36.10
N ASP E 58 6.48 -21.81 -35.59
CA ASP E 58 6.75 -20.62 -34.81
C ASP E 58 5.96 -20.65 -33.51
N ILE E 59 6.36 -19.78 -32.59
CA ILE E 59 5.83 -19.82 -31.24
C ILE E 59 4.43 -19.21 -31.18
N LYS E 60 4.22 -18.09 -31.87
CA LYS E 60 2.98 -17.34 -31.75
C LYS E 60 1.81 -18.15 -32.27
N LYS E 61 1.95 -18.71 -33.48
CA LYS E 61 0.89 -19.52 -34.05
C LYS E 61 0.64 -20.78 -33.23
N ALA E 62 1.63 -21.22 -32.45
CA ALA E 62 1.46 -22.39 -31.60
C ALA E 62 0.65 -22.04 -30.36
N PHE E 63 1.00 -20.94 -29.70
CA PHE E 63 0.29 -20.58 -28.48
C PHE E 63 -1.12 -20.07 -28.76
N GLU E 64 -1.30 -19.38 -29.89
CA GLU E 64 -2.61 -18.79 -30.20
C GLU E 64 -3.70 -19.86 -30.22
N ALA E 65 -3.36 -21.05 -30.73
CA ALA E 65 -4.33 -22.14 -30.82
C ALA E 65 -4.44 -22.87 -29.49
N ALA F 96 -24.95 25.95 35.08
CA ALA F 96 -23.70 25.26 34.78
C ALA F 96 -23.69 24.75 33.34
N GLY F 97 -23.32 25.64 32.41
CA GLY F 97 -23.21 25.28 31.01
C GLY F 97 -21.87 24.72 30.59
N VAL F 98 -20.86 24.81 31.45
CA VAL F 98 -19.53 24.33 31.08
C VAL F 98 -19.48 22.80 31.12
N ALA F 99 -20.17 22.20 32.09
CA ALA F 99 -20.19 20.74 32.17
C ALA F 99 -20.57 20.10 30.85
N SER F 100 -21.48 20.73 30.12
CA SER F 100 -21.85 20.25 28.79
C SER F 100 -20.64 20.26 27.86
N LEU F 101 -19.89 21.36 27.88
CA LEU F 101 -18.69 21.44 27.05
C LEU F 101 -17.71 20.34 27.40
N SER F 102 -17.49 20.10 28.69
CA SER F 102 -16.53 19.09 29.09
C SER F 102 -17.00 17.69 28.71
N ALA F 103 -18.29 17.41 28.90
CA ALA F 103 -18.83 16.12 28.49
C ALA F 103 -18.68 15.91 26.99
N ALA F 104 -18.83 16.97 26.21
CA ALA F 104 -18.63 16.87 24.77
C ALA F 104 -17.17 16.55 24.46
N ILE F 105 -16.26 17.31 25.07
CA ILE F 105 -14.84 17.11 24.83
C ILE F 105 -14.45 15.66 25.13
N ALA F 106 -14.74 15.19 26.34
CA ALA F 106 -14.42 13.82 26.71
C ALA F 106 -14.99 12.83 25.72
N LEU F 107 -16.06 13.20 25.03
CA LEU F 107 -16.65 12.37 23.98
C LEU F 107 -16.06 12.65 22.62
N MET F 108 -15.13 13.59 22.51
CA MET F 108 -14.41 13.83 21.26
C MET F 108 -13.13 13.02 21.21
N SER F 109 -13.24 11.74 21.52
CA SER F 109 -12.11 10.83 21.36
C SER F 109 -12.51 9.42 20.96
N VAL F 110 -13.79 9.13 20.73
CA VAL F 110 -14.16 7.85 20.17
C VAL F 110 -13.78 7.72 18.70
N GLY F 111 -13.37 8.83 18.07
CA GLY F 111 -12.86 8.73 16.71
C GLY F 111 -11.66 7.81 16.62
N GLY F 112 -10.72 7.97 17.55
CA GLY F 112 -9.58 7.06 17.59
C GLY F 112 -9.99 5.63 17.81
N VAL F 113 -10.97 5.41 18.69
CA VAL F 113 -11.49 4.07 18.91
C VAL F 113 -12.00 3.48 17.62
N ALA F 114 -12.76 4.27 16.86
CA ALA F 114 -13.33 3.79 15.62
C ALA F 114 -12.25 3.49 14.58
N GLN F 115 -11.26 4.36 14.47
CA GLN F 115 -10.17 4.09 13.54
C GLN F 115 -9.41 2.82 13.94
N GLY F 116 -9.28 2.58 15.24
CA GLY F 116 -8.64 1.35 15.68
C GLY F 116 -9.43 0.12 15.31
N ILE F 117 -10.73 0.16 15.56
CA ILE F 117 -11.61 -0.95 15.17
C ILE F 117 -11.54 -1.17 13.66
N GLY F 118 -11.49 -0.09 12.90
CA GLY F 118 -11.37 -0.24 11.45
C GLY F 118 -10.10 -0.93 11.05
N SER F 119 -8.98 -0.52 11.65
CA SER F 119 -7.71 -1.21 11.40
C SER F 119 -7.83 -2.69 11.71
N LEU F 120 -8.38 -3.01 12.88
CA LEU F 120 -8.57 -4.41 13.27
C LEU F 120 -9.32 -5.18 12.20
N PHE F 121 -10.54 -4.78 11.90
CA PHE F 121 -11.36 -5.60 11.03
C PHE F 121 -10.86 -5.58 9.59
N ALA F 122 -10.17 -4.52 9.19
CA ALA F 122 -9.54 -4.52 7.88
C ALA F 122 -8.45 -5.57 7.80
N ALA F 123 -7.60 -5.65 8.83
CA ALA F 123 -6.55 -6.65 8.82
C ALA F 123 -7.12 -8.05 8.95
N LEU F 124 -8.17 -8.21 9.75
CA LEU F 124 -8.90 -9.47 9.80
C LEU F 124 -9.33 -9.91 8.42
N VAL F 125 -10.07 -9.05 7.73
CA VAL F 125 -10.60 -9.37 6.41
C VAL F 125 -9.47 -9.73 5.46
N SER F 126 -8.42 -8.90 5.44
CA SER F 126 -7.27 -9.18 4.58
C SER F 126 -6.67 -10.55 4.90
N GLY F 127 -6.19 -10.73 6.11
CA GLY F 127 -5.61 -11.99 6.54
C GLY F 127 -6.51 -13.18 6.31
N THR F 128 -7.81 -12.94 6.23
CA THR F 128 -8.72 -14.01 5.83
C THR F 128 -8.71 -14.23 4.32
N ALA F 129 -8.47 -13.18 3.54
CA ALA F 129 -8.39 -13.35 2.10
C ALA F 129 -7.18 -14.19 1.72
N ARG F 130 -6.06 -13.99 2.41
CA ARG F 130 -4.84 -14.73 2.11
C ARG F 130 -4.83 -16.13 2.72
N ASN F 131 -5.70 -16.41 3.67
CA ASN F 131 -5.72 -17.72 4.30
C ASN F 131 -7.07 -17.97 4.96
N PRO F 132 -8.06 -18.46 4.23
CA PRO F 132 -9.38 -18.69 4.84
C PRO F 132 -9.36 -19.81 5.87
N SER F 133 -8.56 -20.84 5.64
CA SER F 133 -8.58 -22.03 6.49
C SER F 133 -8.34 -21.73 7.96
N ILE F 134 -7.89 -20.51 8.31
CA ILE F 134 -7.49 -20.18 9.66
C ILE F 134 -8.40 -19.11 10.28
N LYS F 135 -9.49 -18.75 9.59
CA LYS F 135 -10.42 -17.76 10.12
C LYS F 135 -10.73 -17.99 11.60
N GLU F 136 -11.02 -19.23 11.97
CA GLU F 136 -11.44 -19.56 13.33
C GLU F 136 -10.46 -19.08 14.39
N ASP F 137 -9.25 -18.67 14.02
CA ASP F 137 -8.33 -18.02 14.93
C ASP F 137 -8.26 -16.52 14.70
N LEU F 138 -8.11 -16.09 13.44
CA LEU F 138 -8.12 -14.68 13.13
C LEU F 138 -9.30 -13.95 13.77
N PHE F 139 -10.40 -14.64 14.03
CA PHE F 139 -11.52 -13.99 14.71
C PHE F 139 -11.22 -13.82 16.20
N THR F 140 -10.86 -14.90 16.87
CA THR F 140 -10.60 -14.89 18.30
C THR F 140 -9.76 -13.67 18.69
N TYR F 141 -8.55 -13.59 18.15
CA TYR F 141 -7.64 -12.51 18.49
C TYR F 141 -8.30 -11.15 18.26
N THR F 142 -8.94 -10.97 17.11
CA THR F 142 -9.69 -9.75 16.86
C THR F 142 -10.58 -9.40 18.05
N LEU F 143 -11.45 -10.33 18.46
CA LEU F 143 -12.30 -10.09 19.61
C LEU F 143 -11.49 -9.62 20.81
N ILE F 144 -10.39 -10.31 21.12
CA ILE F 144 -9.56 -9.94 22.25
C ILE F 144 -9.16 -8.47 22.15
N GLY F 145 -8.72 -8.06 20.97
CA GLY F 145 -8.39 -6.65 20.77
C GLY F 145 -9.54 -5.74 21.15
N MET F 146 -10.73 -6.04 20.65
CA MET F 146 -11.90 -5.23 20.98
C MET F 146 -12.13 -5.21 22.49
N GLY F 147 -11.86 -6.33 23.16
CA GLY F 147 -12.00 -6.42 24.60
C GLY F 147 -11.26 -5.33 25.34
N PHE F 148 -10.33 -4.66 24.65
CA PHE F 148 -9.67 -3.48 25.17
C PHE F 148 -10.33 -2.20 24.66
N LEU F 149 -10.44 -2.05 23.34
CA LEU F 149 -11.03 -0.83 22.78
C LEU F 149 -12.37 -0.51 23.41
N GLU F 150 -13.30 -1.46 23.34
CA GLU F 150 -14.59 -1.32 24.01
C GLU F 150 -14.43 -0.74 25.41
N PHE F 151 -13.61 -1.37 26.25
CA PHE F 151 -13.35 -0.83 27.57
C PHE F 151 -13.01 0.65 27.50
N LEU F 152 -11.91 0.97 26.81
CA LEU F 152 -11.59 2.37 26.53
C LEU F 152 -12.83 3.16 26.12
N GLY F 153 -13.52 2.69 25.08
CA GLY F 153 -14.71 3.38 24.64
C GLY F 153 -15.67 3.65 25.78
N ILE F 154 -16.01 2.61 26.55
CA ILE F 154 -16.90 2.79 27.69
C ILE F 154 -16.42 3.94 28.56
N ILE F 155 -15.14 3.94 28.91
CA ILE F 155 -14.58 5.05 29.68
C ILE F 155 -14.87 6.36 28.97
N CYS F 156 -14.41 6.48 27.72
CA CYS F 156 -14.63 7.69 26.93
C CYS F 156 -16.09 8.11 26.90
N VAL F 157 -17.01 7.20 27.20
CA VAL F 157 -18.43 7.52 27.32
C VAL F 157 -18.74 7.80 28.77
N LEU F 158 -18.46 6.81 29.63
CA LEU F 158 -18.84 6.89 31.04
C LEU F 158 -18.47 8.23 31.65
N MET F 159 -17.18 8.55 31.62
CA MET F 159 -16.72 9.77 32.26
C MET F 159 -17.48 10.99 31.78
N SER F 160 -17.81 11.03 30.49
CA SER F 160 -18.64 12.13 29.99
C SER F 160 -19.83 12.39 30.92
N ALA F 161 -20.68 11.38 31.10
CA ALA F 161 -21.81 11.52 32.01
C ALA F 161 -21.39 12.12 33.34
N VAL F 162 -20.33 11.57 33.94
CA VAL F 162 -19.80 12.12 35.18
C VAL F 162 -19.52 13.61 35.02
N LEU F 163 -18.63 13.95 34.09
CA LEU F 163 -18.28 15.34 33.86
C LEU F 163 -19.49 16.20 33.54
N LEU F 164 -20.61 15.57 33.17
CA LEU F 164 -21.81 16.34 32.84
C LEU F 164 -22.64 16.63 34.08
N TYR F 165 -22.71 15.70 35.03
CA TYR F 165 -23.44 15.93 36.26
C TYR F 165 -22.55 16.55 37.33
N SER F 166 -21.50 15.85 37.73
CA SER F 166 -20.52 16.40 38.66
C SER F 166 -19.62 17.41 37.96
N ALA G 96 -15.95 28.21 35.71
CA ALA G 96 -16.03 28.03 37.16
C ALA G 96 -15.89 26.55 37.54
N GLY G 97 -16.01 25.67 36.55
CA GLY G 97 -15.84 24.25 36.76
C GLY G 97 -14.66 23.71 35.98
N VAL G 98 -13.56 24.47 35.97
CA VAL G 98 -12.43 24.19 35.09
C VAL G 98 -11.83 22.82 35.37
N ALA G 99 -12.05 22.27 36.57
CA ALA G 99 -11.56 20.94 36.88
C ALA G 99 -12.11 19.91 35.91
N SER G 100 -13.41 19.97 35.63
CA SER G 100 -14.01 19.07 34.67
C SER G 100 -13.42 19.27 33.28
N LEU G 101 -13.22 20.52 32.88
CA LEU G 101 -12.59 20.80 31.60
C LEU G 101 -11.24 20.12 31.49
N SER G 102 -10.43 20.22 32.55
CA SER G 102 -9.10 19.63 32.50
C SER G 102 -9.18 18.10 32.47
N ALA G 103 -10.10 17.53 33.23
CA ALA G 103 -10.34 16.10 33.17
C ALA G 103 -10.65 15.66 31.74
N ALA G 104 -11.55 16.38 31.08
CA ALA G 104 -11.91 16.05 29.71
C ALA G 104 -10.70 16.15 28.79
N ILE G 105 -10.08 17.33 28.74
CA ILE G 105 -8.89 17.54 27.92
C ILE G 105 -7.85 16.45 28.16
N ALA G 106 -7.82 15.87 29.36
CA ALA G 106 -6.97 14.70 29.58
C ALA G 106 -7.53 13.48 28.86
N LEU G 107 -8.81 13.20 29.04
CA LEU G 107 -9.40 12.01 28.43
C LEU G 107 -9.54 12.11 26.93
N MET G 108 -9.03 13.14 26.27
CA MET G 108 -9.02 13.17 24.82
C MET G 108 -7.94 12.30 24.21
N SER G 109 -6.87 12.00 24.95
CA SER G 109 -5.73 11.32 24.33
C SER G 109 -6.03 9.87 23.99
N VAL G 110 -7.01 9.25 24.67
CA VAL G 110 -7.33 7.85 24.46
C VAL G 110 -7.45 7.45 23.01
N GLY G 111 -7.81 8.39 22.13
CA GLY G 111 -7.85 8.08 20.71
C GLY G 111 -6.56 7.50 20.18
N GLY G 112 -5.45 8.14 20.51
CA GLY G 112 -4.17 7.64 20.04
C GLY G 112 -3.89 6.26 20.57
N VAL G 113 -4.21 6.04 21.84
CA VAL G 113 -3.99 4.73 22.43
C VAL G 113 -4.79 3.68 21.68
N ALA G 114 -6.05 3.97 21.39
CA ALA G 114 -6.85 3.00 20.66
C ALA G 114 -6.25 2.73 19.28
N GLN G 115 -5.82 3.78 18.60
CA GLN G 115 -5.21 3.57 17.29
C GLN G 115 -3.98 2.67 17.41
N GLY G 116 -3.18 2.89 18.44
CA GLY G 116 -2.00 2.07 18.59
C GLY G 116 -2.35 0.62 18.82
N ILE G 117 -3.31 0.36 19.70
CA ILE G 117 -3.72 -1.00 19.97
C ILE G 117 -4.26 -1.65 18.71
N GLY G 118 -4.99 -0.89 17.90
CA GLY G 118 -5.51 -1.47 16.68
C GLY G 118 -4.41 -1.89 15.72
N SER G 119 -3.42 -1.04 15.56
CA SER G 119 -2.31 -1.42 14.69
C SER G 119 -1.61 -2.65 15.23
N LEU G 120 -1.43 -2.73 16.54
CA LEU G 120 -0.86 -3.95 17.07
C LEU G 120 -1.65 -5.15 16.61
N PHE G 121 -2.90 -5.25 17.02
CA PHE G 121 -3.60 -6.49 16.73
C PHE G 121 -3.85 -6.68 15.25
N ALA G 122 -3.85 -5.61 14.47
CA ALA G 122 -3.91 -5.79 13.03
C ALA G 122 -2.67 -6.53 12.53
N ALA G 123 -1.49 -6.04 12.86
CA ALA G 123 -0.29 -6.75 12.47
C ALA G 123 -0.29 -8.16 13.04
N LEU G 124 -0.85 -8.34 14.22
CA LEU G 124 -0.87 -9.67 14.80
C LEU G 124 -1.66 -10.62 13.91
N VAL G 125 -2.91 -10.27 13.63
CA VAL G 125 -3.69 -11.20 12.80
C VAL G 125 -3.04 -11.31 11.44
N SER G 126 -2.41 -10.24 10.97
CA SER G 126 -1.71 -10.34 9.70
C SER G 126 -0.60 -11.35 9.82
N GLY G 127 0.34 -11.14 10.72
CA GLY G 127 1.39 -12.12 10.91
C GLY G 127 0.85 -13.50 11.19
N THR G 128 -0.31 -13.58 11.84
CA THR G 128 -0.94 -14.87 12.05
C THR G 128 -1.33 -15.51 10.72
N ALA G 129 -2.13 -14.80 9.93
CA ALA G 129 -2.43 -15.29 8.59
C ALA G 129 -1.18 -15.64 7.79
N ARG G 130 -0.03 -15.05 8.11
CA ARG G 130 1.15 -15.36 7.31
C ARG G 130 2.03 -16.46 7.89
N ASN G 131 1.90 -16.76 9.19
CA ASN G 131 2.72 -17.81 9.77
C ASN G 131 2.14 -18.29 11.09
N PRO G 132 1.12 -19.15 11.05
CA PRO G 132 0.51 -19.62 12.30
C PRO G 132 1.43 -20.49 13.15
N SER G 133 2.44 -21.14 12.57
CA SER G 133 3.27 -22.05 13.34
C SER G 133 3.99 -21.36 14.49
N ILE G 134 4.09 -20.03 14.46
CA ILE G 134 4.72 -19.24 15.50
C ILE G 134 3.71 -18.46 16.32
N LYS G 135 2.43 -18.63 16.02
CA LYS G 135 1.33 -17.81 16.52
C LYS G 135 1.52 -17.34 17.95
N GLU G 136 1.70 -18.27 18.87
CA GLU G 136 1.74 -17.92 20.29
C GLU G 136 2.83 -16.89 20.58
N ASP G 137 4.05 -17.14 20.09
CA ASP G 137 5.11 -16.16 20.27
C ASP G 137 4.62 -14.75 19.94
N LEU G 138 4.01 -14.57 18.76
CA LEU G 138 3.49 -13.26 18.41
C LEU G 138 2.63 -12.70 19.52
N PHE G 139 1.59 -13.46 19.90
CA PHE G 139 0.75 -13.08 21.03
C PHE G 139 1.58 -12.53 22.18
N THR G 140 2.54 -13.33 22.65
CA THR G 140 3.41 -12.90 23.73
C THR G 140 3.95 -11.50 23.47
N TYR G 141 4.71 -11.34 22.39
CA TYR G 141 5.30 -10.05 22.08
C TYR G 141 4.24 -8.97 22.02
N THR G 142 3.10 -9.26 21.39
CA THR G 142 2.02 -8.29 21.35
C THR G 142 1.68 -7.79 22.74
N LEU G 143 1.40 -8.71 23.66
CA LEU G 143 1.07 -8.33 25.03
C LEU G 143 2.08 -7.32 25.59
N ILE G 144 3.37 -7.56 25.35
CA ILE G 144 4.38 -6.63 25.86
C ILE G 144 4.02 -5.20 25.49
N GLY G 145 3.78 -4.95 24.21
CA GLY G 145 3.39 -3.61 23.79
C GLY G 145 2.18 -3.09 24.54
N MET G 146 1.16 -3.93 24.67
CA MET G 146 0.00 -3.55 25.46
C MET G 146 0.39 -3.11 26.86
N GLY G 147 1.25 -3.88 27.50
CA GLY G 147 1.70 -3.57 28.84
C GLY G 147 2.22 -2.16 28.97
N PHE G 148 2.64 -1.56 27.85
CA PHE G 148 3.05 -0.17 27.88
C PHE G 148 1.90 0.76 27.55
N LEU G 149 1.21 0.51 26.42
CA LEU G 149 0.09 1.36 26.05
C LEU G 149 -0.90 1.53 27.20
N GLU G 150 -1.48 0.42 27.65
CA GLU G 150 -2.39 0.47 28.78
C GLU G 150 -1.81 1.30 29.91
N PHE G 151 -0.55 1.03 30.28
CA PHE G 151 0.09 1.83 31.30
C PHE G 151 -0.10 3.32 31.02
N LEU G 152 0.42 3.78 29.88
CA LEU G 152 0.15 5.15 29.46
C LEU G 152 -1.33 5.48 29.61
N GLY G 153 -2.19 4.67 28.97
CA GLY G 153 -3.62 4.88 29.09
C GLY G 153 -4.04 5.08 30.53
N ILE G 154 -3.67 4.14 31.40
CA ILE G 154 -4.02 4.23 32.81
C ILE G 154 -3.68 5.61 33.34
N ILE G 155 -2.43 6.03 33.18
CA ILE G 155 -2.00 7.34 33.67
C ILE G 155 -3.02 8.39 33.30
N CYS G 156 -3.31 8.51 32.01
CA CYS G 156 -4.28 9.50 31.54
C CYS G 156 -5.52 9.48 32.43
N VAL G 157 -6.24 8.36 32.43
CA VAL G 157 -7.46 8.28 33.22
C VAL G 157 -7.16 8.62 34.67
N LEU G 158 -6.16 7.95 35.26
CA LEU G 158 -5.76 8.27 36.62
C LEU G 158 -5.61 9.77 36.79
N MET G 159 -4.76 10.38 35.98
CA MET G 159 -4.51 11.82 36.12
C MET G 159 -5.80 12.61 35.97
N SER G 160 -6.64 12.22 35.01
CA SER G 160 -7.91 12.91 34.84
C SER G 160 -8.66 12.98 36.16
N ALA G 161 -8.75 11.85 36.86
CA ALA G 161 -9.40 11.85 38.16
C ALA G 161 -8.76 12.86 39.10
N VAL G 162 -7.44 12.83 39.21
CA VAL G 162 -6.73 13.78 40.06
C VAL G 162 -7.18 15.21 39.80
N LEU G 163 -7.59 15.51 38.57
CA LEU G 163 -7.99 16.87 38.25
C LEU G 163 -9.44 17.13 38.63
N LEU G 164 -10.32 16.16 38.37
CA LEU G 164 -11.73 16.34 38.70
C LEU G 164 -11.99 16.42 40.19
N TYR G 165 -11.02 16.03 41.02
CA TYR G 165 -11.13 16.18 42.46
C TYR G 165 -10.03 17.03 43.07
N SER G 166 -8.88 17.15 42.42
CA SER G 166 -7.80 17.99 42.91
C SER G 166 -7.40 17.61 44.33
N ALA H 96 -6.49 27.70 40.14
CA ALA H 96 -6.74 26.32 39.76
C ALA H 96 -6.85 26.18 38.25
N GLY H 97 -7.95 26.72 37.72
CA GLY H 97 -8.33 26.50 36.34
C GLY H 97 -7.19 26.48 35.36
N VAL H 98 -6.34 27.51 35.41
CA VAL H 98 -5.28 27.66 34.41
C VAL H 98 -4.25 26.56 34.56
N ALA H 99 -3.82 26.29 35.79
CA ALA H 99 -2.78 25.30 36.00
C ALA H 99 -3.24 23.90 35.62
N SER H 100 -4.43 23.51 36.09
CA SER H 100 -4.96 22.21 35.73
C SER H 100 -5.16 22.11 34.22
N LEU H 101 -5.67 23.17 33.60
CA LEU H 101 -5.77 23.21 32.15
C LEU H 101 -4.43 22.92 31.49
N SER H 102 -3.37 23.61 31.94
CA SER H 102 -2.06 23.40 31.35
C SER H 102 -1.59 21.98 31.55
N ALA H 103 -1.88 21.40 32.72
CA ALA H 103 -1.52 20.02 32.99
C ALA H 103 -2.16 19.10 31.97
N ALA H 104 -3.48 19.14 31.88
CA ALA H 104 -4.18 18.27 30.92
C ALA H 104 -3.68 18.51 29.49
N ILE H 105 -3.50 19.77 29.11
CA ILE H 105 -3.00 20.06 27.77
C ILE H 105 -1.69 19.33 27.53
N ALA H 106 -0.68 19.61 28.37
CA ALA H 106 0.58 18.88 28.28
C ALA H 106 0.38 17.38 28.24
N LEU H 107 -0.65 16.88 28.90
CA LEU H 107 -0.92 15.45 28.91
C LEU H 107 -1.72 15.01 27.69
N MET H 108 -2.00 15.93 26.77
CA MET H 108 -2.59 15.54 25.50
C MET H 108 -1.57 14.95 24.54
N SER H 109 -0.27 15.10 24.82
CA SER H 109 0.79 14.56 23.97
C SER H 109 1.18 13.15 24.37
N VAL H 110 0.27 12.40 24.98
CA VAL H 110 0.51 11.00 25.31
C VAL H 110 -0.04 10.07 24.23
N GLY H 111 -0.77 10.60 23.26
CA GLY H 111 -1.35 9.80 22.20
C GLY H 111 -0.37 9.46 21.11
N GLY H 112 0.29 10.48 20.56
CA GLY H 112 1.33 10.24 19.57
C GLY H 112 2.34 9.21 20.02
N VAL H 113 2.68 9.21 21.31
CA VAL H 113 3.60 8.22 21.84
C VAL H 113 3.04 6.82 21.68
N ALA H 114 1.76 6.64 22.00
CA ALA H 114 1.14 5.34 21.86
C ALA H 114 1.07 4.90 20.40
N GLN H 115 0.78 5.84 19.51
CA GLN H 115 0.79 5.53 18.08
C GLN H 115 2.18 5.06 17.63
N GLY H 116 3.21 5.73 18.13
CA GLY H 116 4.57 5.30 17.78
C GLY H 116 4.85 3.91 18.26
N ILE H 117 4.52 3.63 19.53
CA ILE H 117 4.76 2.30 20.09
C ILE H 117 3.96 1.26 19.31
N GLY H 118 2.75 1.60 18.89
CA GLY H 118 1.96 0.65 18.13
C GLY H 118 2.61 0.31 16.80
N SER H 119 2.98 1.32 16.03
CA SER H 119 3.69 1.08 14.78
C SER H 119 4.93 0.23 15.03
N LEU H 120 5.66 0.54 16.09
CA LEU H 120 6.92 -0.15 16.37
C LEU H 120 6.70 -1.62 16.64
N PHE H 121 5.82 -1.95 17.60
CA PHE H 121 5.59 -3.36 17.89
C PHE H 121 4.90 -4.07 16.73
N ALA H 122 4.17 -3.34 15.89
CA ALA H 122 3.59 -3.97 14.70
C ALA H 122 4.69 -4.41 13.76
N ALA H 123 5.66 -3.54 13.52
CA ALA H 123 6.79 -3.93 12.69
C ALA H 123 7.57 -5.07 13.33
N LEU H 124 7.71 -5.06 14.66
CA LEU H 124 8.32 -6.18 15.35
C LEU H 124 7.62 -7.48 15.00
N VAL H 125 6.31 -7.52 15.19
CA VAL H 125 5.53 -8.72 14.93
C VAL H 125 5.68 -9.17 13.48
N SER H 126 5.61 -8.22 12.54
CA SER H 126 5.70 -8.59 11.13
C SER H 126 7.08 -9.15 10.80
N GLY H 127 8.13 -8.42 11.15
CA GLY H 127 9.47 -8.91 10.92
C GLY H 127 9.78 -10.21 11.63
N THR H 128 9.06 -10.51 12.70
CA THR H 128 9.17 -11.82 13.32
C THR H 128 8.51 -12.88 12.44
N ALA H 129 7.26 -12.64 12.04
CA ALA H 129 6.55 -13.60 11.20
C ALA H 129 7.32 -13.90 9.92
N ARG H 130 8.05 -12.92 9.39
CA ARG H 130 8.81 -13.15 8.17
C ARG H 130 10.15 -13.84 8.43
N ASN H 131 10.69 -13.75 9.64
CA ASN H 131 12.01 -14.29 9.91
C ASN H 131 12.20 -14.51 11.41
N PRO H 132 11.62 -15.57 11.97
CA PRO H 132 11.71 -15.77 13.44
C PRO H 132 13.09 -16.19 13.90
N SER H 133 13.95 -16.69 13.03
CA SER H 133 15.27 -17.15 13.43
C SER H 133 16.17 -16.04 13.98
N ILE H 134 15.73 -14.78 13.96
CA ILE H 134 16.50 -13.68 14.53
C ILE H 134 15.60 -12.91 15.49
N LYS H 135 14.54 -13.56 15.95
CA LYS H 135 13.56 -12.96 16.83
C LYS H 135 14.20 -12.08 17.91
N GLU H 136 15.09 -12.66 18.72
CA GLU H 136 15.64 -11.93 19.85
C GLU H 136 16.56 -10.80 19.42
N ASP H 137 17.12 -10.87 18.21
CA ASP H 137 17.92 -9.76 17.70
C ASP H 137 17.07 -8.61 17.19
N LEU H 138 15.74 -8.70 17.31
CA LEU H 138 14.85 -7.60 16.97
C LEU H 138 14.28 -6.94 18.22
N PHE H 139 13.83 -7.74 19.17
CA PHE H 139 13.36 -7.24 20.45
C PHE H 139 14.24 -6.12 20.98
N THR H 140 15.55 -6.36 21.04
CA THR H 140 16.51 -5.37 21.49
C THR H 140 16.21 -4.00 20.91
N TYR H 141 16.13 -3.93 19.59
CA TYR H 141 15.93 -2.64 18.94
C TYR H 141 14.66 -1.96 19.43
N THR H 142 13.56 -2.70 19.52
CA THR H 142 12.34 -2.10 20.03
C THR H 142 12.56 -1.46 21.39
N LEU H 143 13.33 -2.15 22.25
CA LEU H 143 13.63 -1.60 23.56
C LEU H 143 14.34 -0.25 23.43
N ILE H 144 15.35 -0.18 22.57
CA ILE H 144 16.00 1.10 22.31
C ILE H 144 14.96 2.15 21.99
N GLY H 145 13.97 1.78 21.19
CA GLY H 145 12.87 2.68 20.89
C GLY H 145 12.25 3.27 22.14
N MET H 146 11.84 2.40 23.08
CA MET H 146 11.34 2.89 24.36
C MET H 146 12.31 3.88 24.98
N GLY H 147 13.59 3.49 25.05
CA GLY H 147 14.60 4.34 25.64
C GLY H 147 14.49 5.79 25.19
N PHE H 148 13.97 6.01 23.99
CA PHE H 148 13.61 7.35 23.55
C PHE H 148 12.14 7.64 23.80
N LEU H 149 11.25 6.90 23.16
CA LEU H 149 9.82 7.20 23.24
C LEU H 149 9.37 7.34 24.69
N GLU H 150 9.58 6.29 25.48
CA GLU H 150 9.16 6.32 26.88
C GLU H 150 9.58 7.61 27.56
N PHE H 151 10.85 7.99 27.38
CA PHE H 151 11.34 9.23 27.99
C PHE H 151 10.38 10.39 27.70
N LEU H 152 10.14 10.66 26.42
CA LEU H 152 9.18 11.68 26.04
C LEU H 152 7.91 11.57 26.87
N GLY H 153 7.27 10.40 26.82
CA GLY H 153 6.09 10.16 27.61
C GLY H 153 6.32 10.59 29.05
N ILE H 154 7.30 9.96 29.69
CA ILE H 154 7.66 10.33 31.06
C ILE H 154 7.74 11.85 31.18
N ILE H 155 8.60 12.46 30.36
CA ILE H 155 8.79 13.91 30.45
C ILE H 155 7.45 14.62 30.46
N CYS H 156 6.61 14.36 29.46
CA CYS H 156 5.30 14.99 29.41
C CYS H 156 4.61 14.87 30.75
N VAL H 157 4.41 13.63 31.21
CA VAL H 157 3.78 13.40 32.50
C VAL H 157 4.42 14.28 33.57
N LEU H 158 5.74 14.17 33.71
CA LEU H 158 6.44 14.99 34.69
C LEU H 158 5.98 16.43 34.62
N MET H 159 6.12 17.05 33.44
CA MET H 159 5.80 18.46 33.31
C MET H 159 4.39 18.74 33.81
N SER H 160 3.44 17.85 33.50
CA SER H 160 2.08 18.04 33.98
C SER H 160 2.07 18.33 35.48
N ALA H 161 2.63 17.42 36.27
CA ALA H 161 2.70 17.66 37.71
C ALA H 161 3.34 19.00 38.00
N VAL H 162 4.46 19.30 37.35
CA VAL H 162 5.12 20.58 37.56
C VAL H 162 4.16 21.73 37.25
N LEU H 163 3.43 21.62 36.14
CA LEU H 163 2.48 22.66 35.78
C LEU H 163 1.32 22.73 36.76
N LEU H 164 1.01 21.61 37.41
CA LEU H 164 -0.06 21.55 38.40
C LEU H 164 0.41 21.97 39.79
N TYR H 165 1.71 22.09 40.00
CA TYR H 165 2.29 22.49 41.27
C TYR H 165 3.28 23.64 41.06
N SER H 166 2.86 24.63 40.28
CA SER H 166 3.67 25.82 40.05
C SER H 166 2.79 26.98 39.62
N ALA I 96 2.56 32.69 37.89
CA ALA I 96 2.69 32.06 36.58
C ALA I 96 1.38 31.42 36.16
N GLY I 97 0.52 32.21 35.52
CA GLY I 97 -0.75 31.73 35.03
C GLY I 97 -0.72 31.37 33.55
N VAL I 98 -0.21 32.28 32.73
CA VAL I 98 -0.25 32.11 31.29
C VAL I 98 1.01 31.44 30.76
N ALA I 99 2.17 31.72 31.36
CA ALA I 99 3.38 31.00 31.00
C ALA I 99 3.17 29.50 31.11
N SER I 100 2.35 29.07 32.06
CA SER I 100 2.02 27.66 32.21
C SER I 100 1.34 27.13 30.96
N LEU I 101 0.33 27.85 30.47
CA LEU I 101 -0.36 27.43 29.26
C LEU I 101 0.59 27.44 28.07
N SER I 102 1.46 28.44 27.99
CA SER I 102 2.41 28.48 26.89
C SER I 102 3.28 27.24 26.88
N ALA I 103 3.77 26.84 28.04
CA ALA I 103 4.57 25.62 28.14
C ALA I 103 3.74 24.41 27.73
N ALA I 104 2.55 24.26 28.31
CA ALA I 104 1.70 23.12 28.02
C ALA I 104 1.40 23.00 26.53
N ILE I 105 1.31 24.13 25.84
CA ILE I 105 1.10 24.12 24.40
C ILE I 105 2.38 23.74 23.66
N ALA I 106 3.52 24.19 24.17
CA ALA I 106 4.80 23.88 23.51
C ALA I 106 5.08 22.39 23.43
N LEU I 107 4.39 21.56 24.21
CA LEU I 107 4.67 20.14 24.28
C LEU I 107 3.64 19.28 23.53
N MET I 108 2.89 19.86 22.59
CA MET I 108 2.06 19.05 21.70
C MET I 108 2.82 18.59 20.46
N SER I 109 4.02 19.12 20.23
CA SER I 109 4.88 18.64 19.16
C SER I 109 5.43 17.25 19.48
N VAL I 110 5.79 17.03 20.73
CA VAL I 110 6.39 15.79 21.20
C VAL I 110 5.65 14.59 20.61
N GLY I 111 4.33 14.57 20.70
CA GLY I 111 3.57 13.52 20.09
C GLY I 111 4.02 13.17 18.68
N GLY I 112 3.89 14.15 17.79
CA GLY I 112 4.42 14.00 16.45
C GLY I 112 5.80 13.40 16.42
N VAL I 113 6.73 14.03 17.15
CA VAL I 113 8.09 13.50 17.19
C VAL I 113 8.04 11.99 17.43
N ALA I 114 7.35 11.60 18.49
CA ALA I 114 7.22 10.18 18.85
C ALA I 114 6.87 9.36 17.62
N GLN I 115 5.76 9.73 16.99
CA GLN I 115 5.32 9.08 15.76
C GLN I 115 6.48 8.85 14.82
N GLY I 116 7.16 9.94 14.49
CA GLY I 116 8.35 9.89 13.66
C GLY I 116 9.30 8.77 14.04
N ILE I 117 9.81 8.90 15.26
CA ILE I 117 10.73 7.91 15.80
C ILE I 117 10.18 6.50 15.57
N GLY I 118 8.94 6.28 15.99
CA GLY I 118 8.28 5.01 15.81
C GLY I 118 8.52 4.50 14.41
N SER I 119 8.03 5.27 13.43
CA SER I 119 8.18 4.90 12.03
C SER I 119 9.61 4.45 11.75
N LEU I 120 10.57 5.30 12.12
CA LEU I 120 11.98 4.97 11.92
C LEU I 120 12.27 3.55 12.36
N PHE I 121 12.11 3.30 13.67
CA PHE I 121 12.48 2.00 14.22
C PHE I 121 11.71 0.88 13.54
N ALA I 122 10.42 1.10 13.28
CA ALA I 122 9.63 0.13 12.54
C ALA I 122 10.38 -0.31 11.29
N ALA I 123 10.67 0.65 10.43
CA ALA I 123 11.44 0.41 9.22
C ALA I 123 12.71 -0.36 9.50
N LEU I 124 13.55 0.15 10.41
CA LEU I 124 14.78 -0.54 10.81
C LEU I 124 14.54 -2.01 11.11
N VAL I 125 13.63 -2.28 12.06
CA VAL I 125 13.26 -3.63 12.44
C VAL I 125 12.94 -4.48 11.21
N SER I 126 12.03 -4.02 10.37
CA SER I 126 11.70 -4.75 9.15
C SER I 126 12.93 -4.96 8.26
N GLY I 127 13.67 -3.90 7.98
CA GLY I 127 14.88 -3.95 7.18
C GLY I 127 16.00 -4.75 7.80
N THR I 128 15.74 -5.26 9.00
CA THR I 128 16.62 -6.19 9.68
C THR I 128 16.08 -7.60 9.67
N ALA I 129 14.76 -7.76 9.70
CA ALA I 129 14.17 -9.08 9.55
C ALA I 129 14.34 -9.59 8.14
N ARG I 130 14.74 -8.72 7.21
CA ARG I 130 14.95 -9.08 5.82
C ARG I 130 16.40 -9.47 5.58
N ASN I 131 17.33 -8.58 5.91
CA ASN I 131 18.76 -8.81 5.74
C ASN I 131 19.47 -8.56 7.06
N PRO I 132 19.51 -9.56 7.94
CA PRO I 132 20.21 -9.39 9.23
C PRO I 132 21.66 -8.96 9.09
N SER I 133 22.37 -9.45 8.07
CA SER I 133 23.78 -9.13 7.90
C SER I 133 24.02 -7.64 7.70
N ILE I 134 22.97 -6.83 7.60
CA ILE I 134 23.12 -5.41 7.35
C ILE I 134 22.46 -4.66 8.50
N LYS I 135 22.51 -5.22 9.70
CA LYS I 135 22.09 -4.45 10.87
C LYS I 135 22.88 -3.16 11.00
N GLU I 136 24.19 -3.28 11.20
CA GLU I 136 25.00 -2.16 11.66
C GLU I 136 24.77 -0.92 10.80
N ASP I 137 25.02 -1.04 9.51
CA ASP I 137 24.78 0.06 8.59
C ASP I 137 23.46 0.75 8.87
N LEU I 138 22.37 -0.01 8.78
CA LEU I 138 21.06 0.54 9.10
C LEU I 138 21.08 1.31 10.41
N PHE I 139 21.46 0.63 11.49
CA PHE I 139 21.56 1.28 12.79
C PHE I 139 22.19 2.65 12.69
N THR I 140 23.38 2.71 12.07
CA THR I 140 24.06 3.99 11.92
C THR I 140 23.14 5.04 11.32
N TYR I 141 22.66 4.78 10.10
CA TYR I 141 21.75 5.71 9.46
C TYR I 141 20.61 6.07 10.41
N THR I 142 19.99 5.06 11.02
CA THR I 142 18.89 5.31 11.95
C THR I 142 19.26 6.36 12.99
N LEU I 143 20.40 6.17 13.65
CA LEU I 143 20.83 7.15 14.66
C LEU I 143 20.71 8.57 14.14
N ILE I 144 21.26 8.81 12.96
CA ILE I 144 21.25 10.16 12.41
C ILE I 144 19.84 10.73 12.47
N GLY I 145 18.87 9.96 11.98
CA GLY I 145 17.48 10.34 12.09
C GLY I 145 17.13 10.76 13.49
N MET I 146 17.18 9.80 14.41
CA MET I 146 16.95 10.09 15.82
C MET I 146 17.66 11.37 16.23
N GLY I 147 18.92 11.49 15.85
CA GLY I 147 19.70 12.68 16.16
C GLY I 147 18.88 13.93 15.91
N PHE I 148 18.59 14.19 14.62
CA PHE I 148 17.78 15.36 14.27
C PHE I 148 16.52 15.40 15.11
N LEU I 149 15.76 14.31 15.11
CA LEU I 149 14.52 14.28 15.88
C LEU I 149 14.76 14.73 17.31
N GLU I 150 15.74 14.12 17.99
CA GLU I 150 15.95 14.48 19.38
C GLU I 150 16.20 15.98 19.53
N PHE I 151 17.03 16.55 18.66
CA PHE I 151 17.19 18.00 18.66
C PHE I 151 15.85 18.69 18.74
N LEU I 152 14.99 18.45 17.75
CA LEU I 152 13.63 18.97 17.78
C LEU I 152 13.00 18.75 19.15
N GLY I 153 12.93 17.48 19.57
CA GLY I 153 12.42 17.16 20.88
C GLY I 153 13.01 18.08 21.92
N ILE I 154 14.34 18.03 22.06
CA ILE I 154 15.02 18.89 23.02
C ILE I 154 14.49 20.31 22.92
N ILE I 155 14.57 20.88 21.72
CA ILE I 155 14.15 22.25 21.51
C ILE I 155 12.80 22.49 22.17
N CYS I 156 11.77 21.74 21.76
CA CYS I 156 10.44 22.04 22.26
C CYS I 156 10.45 22.02 23.78
N VAL I 157 10.94 20.95 24.39
CA VAL I 157 10.98 20.87 25.84
C VAL I 157 11.62 22.14 26.40
N LEU I 158 12.83 22.45 25.95
CA LEU I 158 13.52 23.61 26.49
C LEU I 158 12.67 24.86 26.35
N MET I 159 12.10 25.08 25.18
CA MET I 159 11.29 26.27 24.99
C MET I 159 10.21 26.36 26.07
N SER I 160 9.55 25.23 26.35
CA SER I 160 8.55 25.23 27.41
C SER I 160 9.10 25.84 28.68
N ALA I 161 10.25 25.32 29.16
CA ALA I 161 10.86 25.87 30.36
C ALA I 161 11.08 27.37 30.20
N VAL I 162 11.63 27.79 29.07
CA VAL I 162 11.77 29.21 28.79
C VAL I 162 10.41 29.90 28.89
N LEU I 163 9.42 29.38 28.15
CA LEU I 163 8.09 29.96 28.21
C LEU I 163 7.43 29.79 29.57
N LEU I 164 8.07 29.08 30.50
CA LEU I 164 7.58 28.99 31.86
C LEU I 164 8.13 30.10 32.75
N TYR I 165 9.28 30.67 32.38
CA TYR I 165 9.90 31.75 33.12
C TYR I 165 9.77 33.09 32.39
N SER I 166 10.20 33.15 31.14
CA SER I 166 10.10 34.36 30.34
C SER I 166 8.69 34.55 29.82
N ALA J 96 -1.18 45.97 20.79
CA ALA J 96 -1.93 44.94 20.09
C ALA J 96 -1.10 43.66 19.98
N GLY J 97 -1.48 42.65 20.77
CA GLY J 97 -0.76 41.39 20.78
C GLY J 97 -1.42 40.32 19.96
N VAL J 98 -2.61 40.61 19.42
CA VAL J 98 -3.36 39.61 18.68
C VAL J 98 -2.66 39.27 17.37
N ALA J 99 -2.04 40.25 16.73
CA ALA J 99 -1.33 40.01 15.47
C ALA J 99 -0.31 38.89 15.61
N SER J 100 0.33 38.78 16.78
CA SER J 100 1.25 37.69 17.01
C SER J 100 0.50 36.36 17.06
N LEU J 101 -0.65 36.35 17.74
CA LEU J 101 -1.47 35.15 17.79
C LEU J 101 -1.78 34.68 16.38
N SER J 102 -2.32 35.58 15.55
CA SER J 102 -2.70 35.22 14.18
C SER J 102 -1.50 34.73 13.39
N ALA J 103 -0.34 35.38 13.51
CA ALA J 103 0.86 34.92 12.83
C ALA J 103 1.20 33.48 13.22
N ALA J 104 1.47 33.27 14.50
CA ALA J 104 1.78 31.94 15.01
C ALA J 104 0.77 30.92 14.51
N ILE J 105 -0.52 31.27 14.50
CA ILE J 105 -1.52 30.35 14.00
C ILE J 105 -1.28 30.07 12.52
N ALA J 106 -1.01 31.12 11.75
CA ALA J 106 -0.83 30.95 10.31
C ALA J 106 0.32 29.99 10.04
N LEU J 107 1.26 29.85 10.97
CA LEU J 107 2.41 29.01 10.69
C LEU J 107 2.17 27.54 10.99
N MET J 108 1.02 27.17 11.54
CA MET J 108 0.74 25.77 11.80
C MET J 108 0.65 24.92 10.53
N SER J 109 0.63 25.54 9.35
CA SER J 109 0.55 24.80 8.10
C SER J 109 1.90 24.19 7.71
N VAL J 110 2.99 24.87 8.07
CA VAL J 110 4.32 24.38 7.75
C VAL J 110 4.48 22.92 8.14
N GLY J 111 3.79 22.49 9.19
CA GLY J 111 3.80 21.09 9.57
C GLY J 111 3.32 20.17 8.46
N GLY J 112 2.09 20.37 8.01
CA GLY J 112 1.60 19.59 6.88
C GLY J 112 2.47 19.68 5.65
N VAL J 113 3.00 20.88 5.40
CA VAL J 113 3.89 21.06 4.25
C VAL J 113 5.09 20.11 4.36
N ALA J 114 5.78 20.16 5.50
CA ALA J 114 6.93 19.30 5.72
C ALA J 114 6.54 17.83 5.64
N GLN J 115 5.36 17.48 6.16
CA GLN J 115 4.90 16.09 6.09
C GLN J 115 4.81 15.63 4.64
N GLY J 116 4.23 16.48 3.79
CA GLY J 116 4.14 16.15 2.37
C GLY J 116 5.51 16.00 1.74
N ILE J 117 6.40 16.96 1.98
CA ILE J 117 7.75 16.88 1.44
C ILE J 117 8.42 15.59 1.88
N GLY J 118 8.16 15.17 3.12
CA GLY J 118 8.78 13.95 3.61
C GLY J 118 8.29 12.73 2.88
N SER J 119 6.97 12.60 2.74
CA SER J 119 6.43 11.50 1.95
C SER J 119 7.03 11.48 0.55
N LEU J 120 7.14 12.65 -0.07
CA LEU J 120 7.66 12.74 -1.43
C LEU J 120 9.10 12.25 -1.51
N PHE J 121 9.97 12.77 -0.64
CA PHE J 121 11.36 12.34 -0.69
C PHE J 121 11.50 10.88 -0.29
N ALA J 122 10.58 10.36 0.52
CA ALA J 122 10.60 8.93 0.81
C ALA J 122 10.32 8.14 -0.46
N ALA J 123 9.33 8.58 -1.23
CA ALA J 123 9.06 7.93 -2.51
C ALA J 123 10.27 7.96 -3.41
N LEU J 124 10.98 9.09 -3.45
CA LEU J 124 12.19 9.17 -4.27
C LEU J 124 13.25 8.20 -3.78
N VAL J 125 13.54 8.23 -2.48
CA VAL J 125 14.57 7.38 -1.90
C VAL J 125 14.25 5.92 -2.12
N SER J 126 12.96 5.58 -2.22
CA SER J 126 12.60 4.20 -2.54
C SER J 126 12.77 3.91 -4.02
N GLY J 127 12.08 4.67 -4.87
CA GLY J 127 12.24 4.55 -6.30
C GLY J 127 13.65 4.41 -6.81
N THR J 128 14.60 5.06 -6.15
CA THR J 128 16.01 4.85 -6.50
C THR J 128 16.42 3.41 -6.27
N ALA J 129 16.30 2.93 -5.03
CA ALA J 129 16.64 1.56 -4.73
C ALA J 129 15.93 0.60 -5.67
N ARG J 130 14.61 0.78 -5.82
CA ARG J 130 13.82 -0.10 -6.66
C ARG J 130 14.30 -0.07 -8.11
N ASN J 131 14.93 1.02 -8.55
CA ASN J 131 15.29 1.16 -9.94
C ASN J 131 16.35 2.25 -10.11
N PRO J 132 17.57 2.00 -9.65
CA PRO J 132 18.61 3.03 -9.71
C PRO J 132 19.21 3.26 -11.09
N SER J 133 18.61 2.69 -12.13
CA SER J 133 19.06 2.99 -13.49
C SER J 133 18.83 4.46 -13.83
N ILE J 134 17.74 5.04 -13.33
CA ILE J 134 17.34 6.38 -13.74
C ILE J 134 17.90 7.41 -12.79
N LYS J 135 17.40 7.41 -11.54
CA LYS J 135 17.88 8.31 -10.49
C LYS J 135 17.60 9.78 -10.77
N GLU J 136 17.10 10.10 -11.96
CA GLU J 136 17.04 11.49 -12.40
C GLU J 136 15.64 11.94 -12.77
N ASP J 137 14.94 11.19 -13.63
CA ASP J 137 13.57 11.54 -13.95
C ASP J 137 12.71 11.61 -12.70
N LEU J 138 12.97 10.71 -11.75
CA LEU J 138 12.33 10.79 -10.45
C LEU J 138 12.74 12.06 -9.72
N PHE J 139 14.04 12.37 -9.74
CA PHE J 139 14.51 13.62 -9.16
C PHE J 139 13.79 14.80 -9.79
N THR J 140 13.54 14.73 -11.09
CA THR J 140 12.86 15.81 -11.79
C THR J 140 11.44 16.00 -11.27
N TYR J 141 10.63 14.94 -11.34
CA TYR J 141 9.25 15.04 -10.86
C TYR J 141 9.21 15.44 -9.39
N THR J 142 10.23 15.04 -8.62
CA THR J 142 10.34 15.45 -7.23
C THR J 142 10.49 16.96 -7.13
N LEU J 143 11.47 17.52 -7.84
CA LEU J 143 11.63 18.97 -7.83
C LEU J 143 10.36 19.68 -8.24
N ILE J 144 9.60 19.09 -9.16
CA ILE J 144 8.33 19.69 -9.57
C ILE J 144 7.38 19.81 -8.37
N GLY J 145 7.07 18.66 -7.77
CA GLY J 145 6.19 18.67 -6.62
C GLY J 145 6.67 19.60 -5.53
N MET J 146 7.98 19.65 -5.31
CA MET J 146 8.51 20.55 -4.29
C MET J 146 8.39 22.00 -4.72
N GLY J 147 8.36 22.27 -6.03
CA GLY J 147 8.03 23.60 -6.49
C GLY J 147 6.68 24.04 -5.96
N PHE J 148 5.67 23.21 -6.19
CA PHE J 148 4.33 23.58 -5.70
C PHE J 148 4.29 23.69 -4.18
N LEU J 149 4.87 22.70 -3.49
CA LEU J 149 4.84 22.71 -2.04
C LEU J 149 5.58 23.93 -1.47
N GLU J 150 6.67 24.33 -2.11
CA GLU J 150 7.41 25.49 -1.67
C GLU J 150 6.59 26.76 -1.88
N PHE J 151 5.87 26.84 -3.00
CA PHE J 151 4.96 27.96 -3.18
C PHE J 151 3.99 28.06 -2.01
N LEU J 152 3.42 26.93 -1.61
CA LEU J 152 2.45 26.94 -0.52
C LEU J 152 3.11 27.41 0.79
N GLY J 153 4.21 26.77 1.17
CA GLY J 153 4.91 27.18 2.37
C GLY J 153 5.28 28.64 2.36
N ILE J 154 5.65 29.17 1.20
CA ILE J 154 6.11 30.54 1.10
C ILE J 154 4.96 31.50 1.28
N ILE J 155 3.82 31.25 0.64
CA ILE J 155 2.70 32.15 0.84
C ILE J 155 2.23 32.09 2.28
N CYS J 156 2.32 30.92 2.92
CA CYS J 156 1.92 30.85 4.33
C CYS J 156 2.84 31.72 5.20
N VAL J 157 4.16 31.61 4.99
CA VAL J 157 5.09 32.42 5.76
C VAL J 157 4.86 33.90 5.52
N LEU J 158 4.73 34.30 4.25
CA LEU J 158 4.54 35.71 3.95
C LEU J 158 3.23 36.23 4.54
N MET J 159 2.19 35.41 4.53
CA MET J 159 0.93 35.82 5.12
C MET J 159 1.06 35.96 6.64
N SER J 160 1.88 35.12 7.27
CA SER J 160 2.12 35.28 8.69
C SER J 160 2.80 36.62 8.96
N ALA J 161 3.87 36.92 8.22
CA ALA J 161 4.55 38.20 8.42
C ALA J 161 3.61 39.37 8.18
N VAL J 162 2.75 39.25 7.19
CA VAL J 162 1.74 40.28 6.90
C VAL J 162 0.85 40.48 8.12
N LEU J 163 0.12 39.42 8.50
CA LEU J 163 -0.78 39.49 9.63
C LEU J 163 -0.07 39.94 10.91
N LEU J 164 1.24 39.80 10.97
CA LEU J 164 1.98 40.31 12.11
C LEU J 164 2.15 41.82 12.02
N TYR J 165 2.85 42.28 10.99
CA TYR J 165 3.12 43.71 10.86
C TYR J 165 1.83 44.50 10.62
N SER J 166 1.16 44.22 9.52
CA SER J 166 -0.11 44.86 9.20
C SER J 166 -0.01 46.38 9.36
N ALA K 96 -7.97 43.34 18.75
CA ALA K 96 -7.79 44.28 17.65
C ALA K 96 -8.34 43.71 16.34
N GLY K 97 -7.46 43.11 15.56
CA GLY K 97 -7.83 42.58 14.25
C GLY K 97 -8.36 41.16 14.26
N VAL K 98 -9.58 40.96 14.76
CA VAL K 98 -10.20 39.64 14.71
C VAL K 98 -10.24 39.12 13.28
N ALA K 99 -10.31 40.03 12.30
CA ALA K 99 -10.21 39.62 10.91
C ALA K 99 -8.90 38.88 10.66
N SER K 100 -7.83 39.26 11.34
CA SER K 100 -6.55 38.57 11.20
C SER K 100 -6.67 37.13 11.66
N LEU K 101 -7.26 36.92 12.82
CA LEU K 101 -7.46 35.56 13.31
C LEU K 101 -8.30 34.75 12.33
N SER K 102 -9.38 35.33 11.82
CA SER K 102 -10.20 34.62 10.84
C SER K 102 -9.38 34.22 9.63
N ALA K 103 -8.55 35.14 9.12
CA ALA K 103 -7.70 34.85 7.99
C ALA K 103 -6.79 33.66 8.29
N ALA K 104 -6.05 33.75 9.39
CA ALA K 104 -5.09 32.70 9.72
C ALA K 104 -5.79 31.35 9.87
N ILE K 105 -6.89 31.32 10.62
CA ILE K 105 -7.67 30.10 10.79
C ILE K 105 -8.01 29.50 9.44
N ALA K 106 -8.61 30.31 8.55
CA ALA K 106 -8.95 29.82 7.21
C ALA K 106 -7.73 29.42 6.42
N LEU K 107 -6.53 29.85 6.82
CA LEU K 107 -5.30 29.53 6.12
C LEU K 107 -4.53 28.37 6.76
N MET K 108 -5.10 27.70 7.76
CA MET K 108 -4.49 26.50 8.30
C MET K 108 -4.83 25.23 7.53
N SER K 109 -5.60 25.30 6.46
CA SER K 109 -5.99 24.11 5.71
C SER K 109 -4.99 23.67 4.66
N VAL K 110 -4.00 24.52 4.35
CA VAL K 110 -2.99 24.16 3.37
C VAL K 110 -2.20 22.94 3.77
N GLY K 111 -2.20 22.59 5.06
CA GLY K 111 -1.56 21.36 5.47
C GLY K 111 -2.13 20.18 4.73
N GLY K 112 -3.45 20.06 4.75
CA GLY K 112 -4.05 18.92 4.08
C GLY K 112 -3.78 18.96 2.59
N VAL K 113 -3.85 20.15 2.00
CA VAL K 113 -3.55 20.27 0.59
C VAL K 113 -2.13 19.79 0.32
N ALA K 114 -1.18 20.27 1.11
CA ALA K 114 0.19 19.88 0.88
C ALA K 114 0.39 18.39 1.07
N GLN K 115 -0.25 17.81 2.08
CA GLN K 115 -0.12 16.37 2.26
C GLN K 115 -0.72 15.62 1.09
N GLY K 116 -1.84 16.08 0.58
CA GLY K 116 -2.41 15.42 -0.58
C GLY K 116 -1.48 15.48 -1.77
N ILE K 117 -0.94 16.65 -2.02
CA ILE K 117 -0.01 16.82 -3.13
C ILE K 117 1.18 15.88 -2.97
N GLY K 118 1.73 15.80 -1.77
CA GLY K 118 2.87 14.95 -1.59
C GLY K 118 2.55 13.49 -1.86
N SER K 119 1.45 13.02 -1.29
CA SER K 119 1.07 11.64 -1.55
C SER K 119 0.87 11.39 -3.03
N LEU K 120 0.26 12.34 -3.72
CA LEU K 120 0.01 12.15 -5.14
C LEU K 120 1.31 12.03 -5.91
N PHE K 121 2.23 12.98 -5.70
CA PHE K 121 3.50 12.89 -6.41
C PHE K 121 4.30 11.67 -5.98
N ALA K 122 4.13 11.23 -4.74
CA ALA K 122 4.82 10.01 -4.33
C ALA K 122 4.34 8.82 -5.14
N ALA K 123 3.03 8.69 -5.31
CA ALA K 123 2.53 7.60 -6.15
C ALA K 123 3.06 7.71 -7.56
N LEU K 124 3.12 8.92 -8.11
CA LEU K 124 3.70 9.06 -9.44
C LEU K 124 5.11 8.52 -9.47
N VAL K 125 5.94 8.93 -8.53
CA VAL K 125 7.34 8.52 -8.59
C VAL K 125 7.42 7.02 -8.44
N SER K 126 6.61 6.46 -7.55
CA SER K 126 6.58 5.01 -7.42
C SER K 126 6.14 4.39 -8.73
N GLY K 127 4.96 4.75 -9.20
CA GLY K 127 4.49 4.25 -10.47
C GLY K 127 5.49 4.43 -11.60
N THR K 128 6.34 5.45 -11.52
CA THR K 128 7.40 5.59 -12.52
C THR K 128 8.50 4.54 -12.34
N ALA K 129 9.02 4.39 -11.12
CA ALA K 129 10.03 3.36 -10.86
C ALA K 129 9.59 1.98 -11.30
N ARG K 130 8.30 1.68 -11.25
CA ARG K 130 7.81 0.35 -11.62
C ARG K 130 7.61 0.21 -13.12
N ASN K 131 7.25 1.31 -13.80
CA ASN K 131 6.96 1.29 -15.23
C ASN K 131 7.60 2.52 -15.85
N PRO K 132 8.93 2.53 -15.99
CA PRO K 132 9.62 3.77 -16.39
C PRO K 132 9.30 4.23 -17.79
N SER K 133 8.55 3.46 -18.58
CA SER K 133 8.18 3.89 -19.91
C SER K 133 6.82 4.58 -19.94
N ILE K 134 6.00 4.35 -18.93
CA ILE K 134 4.67 4.94 -18.85
C ILE K 134 4.79 6.10 -17.86
N LYS K 135 5.04 7.28 -18.38
CA LYS K 135 5.20 8.48 -17.56
C LYS K 135 4.30 9.62 -17.99
N GLU K 136 4.07 9.78 -19.30
CA GLU K 136 3.21 10.86 -19.75
C GLU K 136 1.79 10.68 -19.25
N ASP K 137 1.30 9.44 -19.21
CA ASP K 137 -0.05 9.19 -18.70
C ASP K 137 -0.12 9.48 -17.20
N LEU K 138 0.85 8.96 -16.44
CA LEU K 138 0.91 9.24 -15.02
C LEU K 138 1.05 10.73 -14.77
N PHE K 139 1.92 11.40 -15.53
CA PHE K 139 2.08 12.85 -15.39
C PHE K 139 0.77 13.56 -15.66
N THR K 140 0.02 13.12 -16.66
CA THR K 140 -1.23 13.77 -17.01
C THR K 140 -2.24 13.66 -15.87
N TYR K 141 -2.45 12.44 -15.37
CA TYR K 141 -3.40 12.25 -14.29
C TYR K 141 -2.95 13.01 -13.03
N THR K 142 -1.65 13.00 -12.77
CA THR K 142 -1.09 13.80 -11.69
C THR K 142 -1.45 15.28 -11.85
N LEU K 143 -1.28 15.81 -13.05
CA LEU K 143 -1.57 17.22 -13.28
C LEU K 143 -3.04 17.52 -13.08
N ILE K 144 -3.91 16.57 -13.44
CA ILE K 144 -5.34 16.75 -13.21
C ILE K 144 -5.62 16.89 -11.71
N GLY K 145 -5.19 15.89 -10.94
CA GLY K 145 -5.40 15.95 -9.50
C GLY K 145 -4.79 17.19 -8.89
N MET K 146 -3.61 17.59 -9.38
CA MET K 146 -2.96 18.78 -8.86
C MET K 146 -3.74 20.03 -9.21
N GLY K 147 -4.42 20.05 -10.36
CA GLY K 147 -5.30 21.15 -10.67
C GLY K 147 -6.40 21.28 -9.65
N PHE K 148 -7.04 20.17 -9.32
CA PHE K 148 -8.12 20.20 -8.32
C PHE K 148 -7.59 20.67 -6.96
N LEU K 149 -6.45 20.12 -6.53
CA LEU K 149 -5.89 20.50 -5.24
C LEU K 149 -5.51 21.98 -5.20
N GLU K 150 -4.83 22.45 -6.24
CA GLU K 150 -4.46 23.87 -6.29
C GLU K 150 -5.69 24.75 -6.30
N PHE K 151 -6.77 24.29 -6.93
CA PHE K 151 -8.01 25.05 -6.90
C PHE K 151 -8.50 25.22 -5.48
N LEU K 152 -8.57 24.12 -4.72
CA LEU K 152 -9.03 24.23 -3.34
C LEU K 152 -8.09 25.09 -2.50
N GLY K 153 -6.79 24.95 -2.71
CA GLY K 153 -5.84 25.76 -1.97
C GLY K 153 -5.99 27.25 -2.27
N ILE K 154 -6.22 27.57 -3.53
CA ILE K 154 -6.42 28.97 -3.91
C ILE K 154 -7.71 29.49 -3.28
N ILE K 155 -8.73 28.64 -3.21
CA ILE K 155 -9.95 29.03 -2.50
C ILE K 155 -9.62 29.41 -1.05
N CYS K 156 -8.86 28.57 -0.37
CA CYS K 156 -8.57 28.86 1.04
C CYS K 156 -7.80 30.17 1.17
N VAL K 157 -6.79 30.37 0.33
CA VAL K 157 -5.99 31.59 0.42
C VAL K 157 -6.83 32.82 0.14
N LEU K 158 -7.62 32.78 -0.94
CA LEU K 158 -8.43 33.93 -1.29
C LEU K 158 -9.45 34.23 -0.22
N MET K 159 -10.05 33.20 0.38
CA MET K 159 -11.02 33.46 1.42
C MET K 159 -10.35 34.07 2.64
N SER K 160 -9.11 33.65 2.94
CA SER K 160 -8.37 34.30 4.00
C SER K 160 -8.20 35.79 3.73
N ALA K 161 -7.69 36.12 2.53
CA ALA K 161 -7.51 37.52 2.17
C ALA K 161 -8.82 38.30 2.30
N VAL K 162 -9.90 37.76 1.75
CA VAL K 162 -11.22 38.36 1.85
C VAL K 162 -11.54 38.68 3.31
N LEU K 163 -11.53 37.65 4.16
CA LEU K 163 -11.81 37.85 5.58
C LEU K 163 -10.86 38.83 6.22
N LEU K 164 -9.69 39.07 5.63
CA LEU K 164 -8.81 40.11 6.15
C LEU K 164 -9.25 41.48 5.68
N TYR K 165 -9.22 41.73 4.38
CA TYR K 165 -9.77 42.96 3.81
C TYR K 165 -11.29 42.84 3.67
N SER K 166 -11.94 42.56 4.80
CA SER K 166 -13.38 42.29 4.79
C SER K 166 -14.15 43.56 4.45
N ALA L 96 -17.23 42.56 11.02
CA ALA L 96 -16.01 41.92 11.48
C ALA L 96 -16.15 41.48 12.93
N GLY L 97 -16.92 40.43 13.14
CA GLY L 97 -17.17 39.92 14.48
C GLY L 97 -16.86 38.45 14.62
N VAL L 98 -17.86 37.68 15.05
CA VAL L 98 -17.70 36.24 15.20
C VAL L 98 -18.06 35.50 13.92
N ALA L 99 -18.92 36.08 13.08
CA ALA L 99 -19.30 35.42 11.83
C ALA L 99 -18.08 35.16 10.96
N SER L 100 -17.11 36.09 10.97
CA SER L 100 -15.87 35.85 10.26
C SER L 100 -15.13 34.64 10.84
N LEU L 101 -15.06 34.54 12.16
CA LEU L 101 -14.45 33.38 12.77
C LEU L 101 -15.12 32.10 12.31
N SER L 102 -16.45 32.10 12.22
CA SER L 102 -17.15 30.89 11.81
C SER L 102 -16.88 30.57 10.34
N ALA L 103 -16.87 31.58 9.49
CA ALA L 103 -16.61 31.35 8.08
C ALA L 103 -15.17 30.94 7.82
N ALA L 104 -14.28 31.19 8.76
CA ALA L 104 -12.91 30.69 8.63
C ALA L 104 -12.77 29.29 9.20
N ILE L 105 -13.47 29.00 10.30
CA ILE L 105 -13.47 27.65 10.84
C ILE L 105 -14.08 26.67 9.85
N ALA L 106 -15.06 27.12 9.07
CA ALA L 106 -15.68 26.24 8.09
C ALA L 106 -14.76 25.88 6.94
N LEU L 107 -13.54 26.42 6.89
CA LEU L 107 -12.56 26.04 5.89
C LEU L 107 -11.42 25.23 6.51
N MET L 108 -11.72 24.51 7.59
CA MET L 108 -10.82 23.51 8.13
C MET L 108 -11.11 22.12 7.58
N SER L 109 -12.21 21.97 6.86
CA SER L 109 -12.59 20.69 6.28
C SER L 109 -11.88 20.43 4.95
N VAL L 110 -11.55 21.49 4.21
CA VAL L 110 -10.88 21.35 2.92
C VAL L 110 -9.64 20.48 3.00
N GLY L 111 -8.97 20.45 4.15
CA GLY L 111 -7.85 19.53 4.31
C GLY L 111 -8.23 18.08 4.04
N GLY L 112 -9.31 17.62 4.66
CA GLY L 112 -9.73 16.25 4.44
C GLY L 112 -10.12 15.98 3.00
N VAL L 113 -10.83 16.92 2.38
CA VAL L 113 -11.19 16.76 0.98
C VAL L 113 -9.95 16.60 0.11
N ALA L 114 -8.96 17.47 0.32
CA ALA L 114 -7.75 17.40 -0.49
C ALA L 114 -7.01 16.08 -0.26
N GLN L 115 -6.98 15.61 0.98
CA GLN L 115 -6.32 14.33 1.25
C GLN L 115 -7.05 13.18 0.57
N GLY L 116 -8.39 13.22 0.58
CA GLY L 116 -9.15 12.21 -0.11
C GLY L 116 -8.87 12.19 -1.60
N ILE L 117 -8.81 13.38 -2.20
CA ILE L 117 -8.52 13.46 -3.63
C ILE L 117 -7.12 12.95 -3.92
N GLY L 118 -6.16 13.28 -3.06
CA GLY L 118 -4.81 12.79 -3.23
C GLY L 118 -4.77 11.28 -3.20
N SER L 119 -5.44 10.67 -2.21
CA SER L 119 -5.51 9.22 -2.15
C SER L 119 -6.12 8.64 -3.43
N LEU L 120 -7.21 9.23 -3.91
CA LEU L 120 -7.83 8.77 -5.14
C LEU L 120 -6.84 8.74 -6.28
N PHE L 121 -6.30 9.90 -6.62
CA PHE L 121 -5.44 9.97 -7.80
C PHE L 121 -4.13 9.22 -7.61
N ALA L 122 -3.69 9.02 -6.37
CA ALA L 122 -2.51 8.17 -6.15
C ALA L 122 -2.83 6.72 -6.47
N ALA L 123 -3.98 6.24 -5.99
CA ALA L 123 -4.40 4.88 -6.30
C ALA L 123 -4.61 4.70 -7.79
N LEU L 124 -5.14 5.73 -8.45
CA LEU L 124 -5.30 5.69 -9.90
C LEU L 124 -3.96 5.54 -10.59
N VAL L 125 -3.00 6.40 -10.24
CA VAL L 125 -1.68 6.33 -10.86
C VAL L 125 -1.04 4.97 -10.62
N SER L 126 -1.21 4.42 -9.42
CA SER L 126 -0.63 3.13 -9.10
C SER L 126 -1.28 2.01 -9.92
N GLY L 127 -2.61 1.89 -9.83
CA GLY L 127 -3.32 0.91 -10.64
C GLY L 127 -3.15 1.10 -12.12
N THR L 128 -2.68 2.26 -12.56
CA THR L 128 -2.31 2.45 -13.96
C THR L 128 -0.93 1.86 -14.24
N ALA L 129 0.08 2.27 -13.47
CA ALA L 129 1.40 1.68 -13.60
C ALA L 129 1.38 0.16 -13.47
N ARG L 130 0.35 -0.40 -12.84
CA ARG L 130 0.22 -1.83 -12.66
C ARG L 130 -0.62 -2.50 -13.74
N ASN L 131 -1.41 -1.74 -14.48
CA ASN L 131 -2.24 -2.31 -15.53
C ASN L 131 -2.70 -1.20 -16.48
N PRO L 132 -1.83 -0.73 -17.36
CA PRO L 132 -2.23 0.36 -18.28
C PRO L 132 -3.41 0.01 -19.15
N SER L 133 -3.60 -1.27 -19.48
CA SER L 133 -4.60 -1.64 -20.47
C SER L 133 -5.99 -1.14 -20.13
N ILE L 134 -6.23 -0.69 -18.90
CA ILE L 134 -7.58 -0.36 -18.44
C ILE L 134 -7.59 1.03 -17.83
N LYS L 135 -6.65 1.88 -18.23
CA LYS L 135 -6.63 3.27 -17.77
C LYS L 135 -8.02 3.88 -17.76
N GLU L 136 -8.64 3.97 -18.94
CA GLU L 136 -9.90 4.68 -19.07
C GLU L 136 -11.05 4.00 -18.34
N ASP L 137 -10.84 2.78 -17.84
CA ASP L 137 -11.79 2.21 -16.90
C ASP L 137 -11.57 2.81 -15.51
N LEU L 138 -10.36 2.68 -14.98
CA LEU L 138 -10.03 3.24 -13.68
C LEU L 138 -10.50 4.69 -13.58
N PHE L 139 -10.03 5.53 -14.50
CA PHE L 139 -10.43 6.92 -14.53
C PHE L 139 -11.92 7.09 -14.30
N THR L 140 -12.74 6.34 -15.03
CA THR L 140 -14.18 6.43 -14.85
C THR L 140 -14.54 6.34 -13.38
N TYR L 141 -14.22 5.22 -12.75
CA TYR L 141 -14.54 5.05 -11.34
C TYR L 141 -13.96 6.20 -10.51
N THR L 142 -12.72 6.59 -10.78
CA THR L 142 -12.13 7.73 -10.09
C THR L 142 -13.08 8.92 -10.10
N LEU L 143 -13.57 9.30 -11.29
CA LEU L 143 -14.45 10.45 -11.38
C LEU L 143 -15.62 10.35 -10.42
N ILE L 144 -16.21 9.16 -10.30
CA ILE L 144 -17.35 8.99 -9.41
C ILE L 144 -17.02 9.51 -8.01
N GLY L 145 -15.86 9.13 -7.50
CA GLY L 145 -15.45 9.63 -6.19
C GLY L 145 -15.50 11.13 -6.10
N MET L 146 -14.94 11.81 -7.10
CA MET L 146 -14.95 13.27 -7.11
C MET L 146 -16.37 13.80 -6.96
N GLY L 147 -17.33 13.19 -7.62
CA GLY L 147 -18.71 13.62 -7.56
C GLY L 147 -19.20 13.83 -6.14
N PHE L 148 -18.54 13.22 -5.17
CA PHE L 148 -18.91 13.37 -3.78
C PHE L 148 -17.95 14.30 -3.05
N LEU L 149 -16.66 14.10 -3.27
CA LEU L 149 -15.64 14.88 -2.56
C LEU L 149 -15.72 16.33 -2.97
N GLU L 150 -15.48 16.60 -4.24
CA GLU L 150 -15.66 17.95 -4.75
C GLU L 150 -16.94 18.52 -4.16
N PHE L 151 -18.07 17.83 -4.38
CA PHE L 151 -19.34 18.27 -3.81
C PHE L 151 -19.20 18.66 -2.35
N LEU L 152 -18.82 17.70 -1.50
CA LEU L 152 -18.63 18.00 -0.09
C LEU L 152 -17.81 19.26 0.10
N GLY L 153 -16.62 19.30 -0.49
CA GLY L 153 -15.78 20.49 -0.37
C GLY L 153 -16.55 21.75 -0.66
N ILE L 154 -17.19 21.80 -1.83
CA ILE L 154 -17.96 22.99 -2.21
C ILE L 154 -18.93 23.36 -1.10
N ILE L 155 -19.69 22.39 -0.60
CA ILE L 155 -20.64 22.66 0.48
C ILE L 155 -19.98 23.51 1.55
N CYS L 156 -18.87 23.03 2.11
CA CYS L 156 -18.13 23.80 3.10
C CYS L 156 -18.00 25.25 2.67
N VAL L 157 -17.33 25.48 1.53
CA VAL L 157 -17.17 26.83 1.02
C VAL L 157 -18.50 27.56 1.02
N LEU L 158 -19.51 26.98 0.36
CA LEU L 158 -20.80 27.63 0.35
C LEU L 158 -21.27 27.92 1.77
N MET L 159 -21.34 26.90 2.61
CA MET L 159 -21.80 27.13 3.97
C MET L 159 -20.93 28.20 4.65
N SER L 160 -19.65 28.24 4.34
CA SER L 160 -18.79 29.29 4.90
C SER L 160 -19.39 30.65 4.61
N ALA L 161 -19.64 30.95 3.34
CA ALA L 161 -20.28 32.22 2.99
C ALA L 161 -21.60 32.38 3.70
N VAL L 162 -22.39 31.30 3.79
CA VAL L 162 -23.67 31.35 4.49
C VAL L 162 -23.50 31.89 5.89
N LEU L 163 -22.35 31.65 6.51
CA LEU L 163 -22.10 32.13 7.86
C LEU L 163 -21.47 33.50 7.88
N LEU L 164 -20.72 33.86 6.83
CA LEU L 164 -20.12 35.17 6.77
C LEU L 164 -21.14 36.25 6.42
N TYR L 165 -22.20 35.87 5.70
CA TYR L 165 -23.27 36.78 5.36
C TYR L 165 -24.60 36.23 5.86
N SER L 166 -24.61 35.77 7.10
CA SER L 166 -25.78 35.13 7.70
C SER L 166 -27.07 35.85 7.35
N ALA M 96 -27.09 34.91 17.46
CA ALA M 96 -26.59 35.41 16.18
C ALA M 96 -25.07 35.45 16.17
N GLY M 97 -24.45 35.09 17.29
CA GLY M 97 -23.01 35.16 17.42
C GLY M 97 -22.38 33.86 17.88
N VAL M 98 -23.19 32.97 18.44
CA VAL M 98 -22.71 31.66 18.90
C VAL M 98 -23.12 30.57 17.93
N ALA M 99 -24.36 30.64 17.42
CA ALA M 99 -24.86 29.61 16.53
C ALA M 99 -23.94 29.41 15.34
N SER M 100 -23.48 30.50 14.74
CA SER M 100 -22.54 30.43 13.63
C SER M 100 -21.33 29.58 13.99
N LEU M 101 -20.74 29.83 15.15
CA LEU M 101 -19.59 29.02 15.57
C LEU M 101 -19.96 27.56 15.67
N SER M 102 -21.12 27.25 16.24
CA SER M 102 -21.54 25.86 16.39
C SER M 102 -21.65 25.19 15.03
N ALA M 103 -22.23 25.87 14.05
CA ALA M 103 -22.38 25.30 12.73
C ALA M 103 -21.02 25.09 12.08
N ALA M 104 -20.17 26.12 12.12
CA ALA M 104 -18.85 26.00 11.50
C ALA M 104 -18.01 24.93 12.17
N ILE M 105 -18.31 24.61 13.42
CA ILE M 105 -17.59 23.56 14.12
C ILE M 105 -18.14 22.18 13.76
N ALA M 106 -19.44 22.06 13.51
CA ALA M 106 -19.98 20.80 13.04
C ALA M 106 -19.57 20.47 11.62
N LEU M 107 -19.03 21.41 10.85
CA LEU M 107 -18.60 21.16 9.48
C LEU M 107 -17.12 20.80 9.40
N MET M 108 -16.63 20.05 10.38
CA MET M 108 -15.29 19.48 10.35
C MET M 108 -15.31 17.96 10.22
N SER M 109 -16.39 17.31 10.65
CA SER M 109 -16.69 15.93 10.32
C SER M 109 -16.59 15.65 8.82
N VAL M 110 -16.81 16.65 7.99
CA VAL M 110 -16.74 16.50 6.54
C VAL M 110 -15.32 16.20 6.10
N GLY M 111 -14.33 16.91 6.63
CA GLY M 111 -12.97 16.56 6.31
C GLY M 111 -12.59 15.19 6.85
N GLY M 112 -13.26 14.75 7.92
CA GLY M 112 -13.06 13.38 8.37
C GLY M 112 -13.70 12.35 7.46
N VAL M 113 -14.72 12.74 6.70
CA VAL M 113 -15.47 11.81 5.86
C VAL M 113 -14.79 11.65 4.51
N ALA M 114 -14.53 12.78 3.86
CA ALA M 114 -13.82 12.77 2.58
C ALA M 114 -12.62 11.84 2.65
N GLN M 115 -11.89 11.90 3.76
CA GLN M 115 -11.01 10.81 4.14
C GLN M 115 -11.86 9.64 4.59
N GLY M 116 -11.69 8.52 3.94
CA GLY M 116 -12.56 7.37 4.12
C GLY M 116 -13.29 7.12 2.81
N ILE M 117 -13.86 8.16 2.22
CA ILE M 117 -14.37 7.97 0.86
C ILE M 117 -13.21 7.83 -0.10
N GLY M 118 -12.18 8.68 0.06
CA GLY M 118 -11.01 8.56 -0.78
C GLY M 118 -10.38 7.19 -0.68
N SER M 119 -10.24 6.67 0.53
CA SER M 119 -9.64 5.35 0.72
C SER M 119 -10.51 4.27 0.10
N LEU M 120 -11.82 4.35 0.30
CA LEU M 120 -12.73 3.40 -0.32
C LEU M 120 -12.52 3.31 -1.82
N PHE M 121 -12.62 4.46 -2.50
CA PHE M 121 -12.54 4.42 -3.96
C PHE M 121 -11.13 4.12 -4.43
N ALA M 122 -10.11 4.48 -3.66
CA ALA M 122 -8.75 4.07 -4.00
C ALA M 122 -8.62 2.56 -3.97
N ALA M 123 -9.22 1.92 -2.97
CA ALA M 123 -9.15 0.46 -2.88
C ALA M 123 -9.92 -0.18 -4.02
N LEU M 124 -11.08 0.39 -4.37
CA LEU M 124 -11.81 -0.09 -5.54
C LEU M 124 -10.94 -0.02 -6.79
N VAL M 125 -10.29 1.12 -7.01
CA VAL M 125 -9.45 1.29 -8.19
C VAL M 125 -8.36 0.23 -8.22
N SER M 126 -7.58 0.13 -7.14
CA SER M 126 -6.51 -0.87 -7.12
C SER M 126 -7.06 -2.29 -7.26
N GLY M 127 -8.25 -2.56 -6.71
CA GLY M 127 -8.84 -3.87 -6.87
C GLY M 127 -9.14 -4.20 -8.32
N THR M 128 -9.65 -3.23 -9.07
CA THR M 128 -9.82 -3.43 -10.50
C THR M 128 -8.46 -3.64 -11.17
N ALA M 129 -7.45 -2.89 -10.73
CA ALA M 129 -6.13 -3.04 -11.32
C ALA M 129 -5.57 -4.43 -11.09
N ARG M 130 -5.98 -5.10 -10.01
CA ARG M 130 -5.49 -6.44 -9.71
C ARG M 130 -6.34 -7.54 -10.34
N ASN M 131 -7.63 -7.30 -10.59
CA ASN M 131 -8.52 -8.33 -11.10
C ASN M 131 -9.67 -7.67 -11.85
N PRO M 132 -9.40 -7.17 -13.05
CA PRO M 132 -10.46 -6.52 -13.83
C PRO M 132 -11.65 -7.41 -14.13
N SER M 133 -11.48 -8.73 -14.09
CA SER M 133 -12.60 -9.64 -14.34
C SER M 133 -13.78 -9.35 -13.45
N ILE M 134 -13.56 -8.69 -12.31
CA ILE M 134 -14.63 -8.31 -11.40
C ILE M 134 -14.46 -6.82 -11.09
N LYS M 135 -15.11 -5.99 -11.88
CA LYS M 135 -15.33 -4.60 -11.50
C LYS M 135 -16.61 -4.51 -10.68
N GLU M 136 -17.70 -5.04 -11.24
CA GLU M 136 -18.86 -5.35 -10.44
C GLU M 136 -18.51 -6.47 -9.46
N ASP M 137 -19.32 -6.59 -8.42
CA ASP M 137 -19.04 -7.35 -7.20
C ASP M 137 -18.08 -6.57 -6.31
N LEU M 138 -17.53 -5.45 -6.79
CA LEU M 138 -16.84 -4.48 -5.96
C LEU M 138 -17.64 -3.19 -5.87
N PHE M 139 -18.10 -2.70 -7.02
CA PHE M 139 -18.88 -1.47 -7.07
C PHE M 139 -20.07 -1.51 -6.11
N THR M 140 -20.64 -2.69 -5.87
CA THR M 140 -21.77 -2.79 -4.98
C THR M 140 -21.35 -2.59 -3.53
N TYR M 141 -20.28 -3.26 -3.12
CA TYR M 141 -19.79 -3.10 -1.75
C TYR M 141 -19.30 -1.68 -1.52
N THR M 142 -18.52 -1.16 -2.48
CA THR M 142 -18.16 0.24 -2.48
C THR M 142 -19.38 1.14 -2.29
N LEU M 143 -20.46 0.85 -3.00
CA LEU M 143 -21.64 1.69 -2.92
C LEU M 143 -22.30 1.59 -1.55
N ILE M 144 -22.26 0.42 -0.93
CA ILE M 144 -22.81 0.27 0.41
C ILE M 144 -22.04 1.15 1.39
N GLY M 145 -20.71 1.01 1.38
CA GLY M 145 -19.88 1.82 2.24
C GLY M 145 -20.09 3.30 2.01
N MET M 146 -20.16 3.71 0.74
CA MET M 146 -20.36 5.11 0.43
C MET M 146 -21.74 5.59 0.84
N GLY M 147 -22.75 4.73 0.82
CA GLY M 147 -24.04 5.12 1.33
C GLY M 147 -23.97 5.46 2.80
N PHE M 148 -23.29 4.60 3.57
CA PHE M 148 -23.15 4.84 5.01
C PHE M 148 -22.38 6.13 5.29
N LEU M 149 -21.33 6.38 4.51
CA LEU M 149 -20.54 7.59 4.70
C LEU M 149 -21.30 8.84 4.29
N GLU M 150 -22.04 8.76 3.19
CA GLU M 150 -22.88 9.88 2.78
C GLU M 150 -23.92 10.18 3.85
N PHE M 151 -24.43 9.14 4.51
CA PHE M 151 -25.35 9.36 5.62
C PHE M 151 -24.68 10.16 6.74
N LEU M 152 -23.45 9.79 7.09
CA LEU M 152 -22.73 10.54 8.12
C LEU M 152 -22.58 12.00 7.71
N GLY M 153 -22.19 12.24 6.46
CA GLY M 153 -22.05 13.62 6.00
C GLY M 153 -23.36 14.38 6.10
N ILE M 154 -24.46 13.72 5.75
CA ILE M 154 -25.77 14.35 5.86
C ILE M 154 -26.06 14.72 7.31
N ILE M 155 -25.74 13.82 8.24
CA ILE M 155 -25.92 14.12 9.65
C ILE M 155 -25.20 15.41 10.01
N CYS M 156 -23.91 15.48 9.71
CA CYS M 156 -23.13 16.63 10.16
C CYS M 156 -23.66 17.92 9.57
N VAL M 157 -23.91 17.93 8.26
CA VAL M 157 -24.45 19.12 7.60
C VAL M 157 -25.79 19.51 8.22
N LEU M 158 -26.71 18.55 8.33
CA LEU M 158 -28.03 18.84 8.86
C LEU M 158 -27.96 19.43 10.25
N MET M 159 -27.16 18.83 11.13
CA MET M 159 -27.11 19.34 12.50
C MET M 159 -26.45 20.71 12.55
N SER M 160 -25.48 20.97 11.68
CA SER M 160 -24.95 22.33 11.59
C SER M 160 -26.07 23.31 11.26
N ALA M 161 -26.87 22.98 10.24
CA ALA M 161 -27.97 23.88 9.86
C ALA M 161 -28.94 24.05 11.01
N VAL M 162 -29.25 22.97 11.72
CA VAL M 162 -30.12 23.05 12.90
C VAL M 162 -29.57 24.06 13.89
N LEU M 163 -28.36 23.81 14.38
CA LEU M 163 -27.76 24.70 15.37
C LEU M 163 -27.59 26.12 14.85
N LEU M 164 -27.61 26.33 13.53
CA LEU M 164 -27.60 27.69 13.01
C LEU M 164 -28.95 28.35 13.19
N TYR M 165 -30.03 27.60 13.05
CA TYR M 165 -31.39 28.10 13.22
C TYR M 165 -31.99 27.67 14.56
N SER M 166 -31.14 27.43 15.56
CA SER M 166 -31.61 27.00 16.86
C SER M 166 -30.51 27.15 17.90
N ALA N 96 -27.19 30.75 27.24
CA ALA N 96 -26.71 29.38 27.41
C ALA N 96 -26.25 28.78 26.07
N GLY N 97 -25.74 29.65 25.19
CA GLY N 97 -25.27 29.20 23.89
C GLY N 97 -24.21 28.13 23.96
N VAL N 98 -23.58 27.96 25.12
CA VAL N 98 -22.53 26.94 25.27
C VAL N 98 -23.07 25.55 24.96
N ALA N 99 -24.37 25.33 25.16
CA ALA N 99 -24.97 24.03 24.83
C ALA N 99 -24.85 23.75 23.33
N SER N 100 -25.24 24.73 22.51
CA SER N 100 -25.10 24.62 21.06
C SER N 100 -23.66 24.52 20.63
N LEU N 101 -22.70 24.76 21.52
CA LEU N 101 -21.30 24.54 21.22
C LEU N 101 -20.90 23.12 21.58
N SER N 102 -21.32 22.65 22.74
CA SER N 102 -20.99 21.30 23.18
C SER N 102 -21.54 20.28 22.18
N ALA N 103 -22.71 20.57 21.61
CA ALA N 103 -23.27 19.68 20.59
C ALA N 103 -22.31 19.48 19.43
N ALA N 104 -21.83 20.58 18.85
CA ALA N 104 -20.92 20.48 17.71
C ALA N 104 -19.59 19.85 18.11
N ILE N 105 -19.09 20.21 19.30
CA ILE N 105 -17.86 19.62 19.78
C ILE N 105 -18.01 18.11 19.92
N ALA N 106 -19.23 17.63 20.16
CA ALA N 106 -19.45 16.20 20.20
C ALA N 106 -19.54 15.61 18.80
N LEU N 107 -20.23 16.30 17.88
CA LEU N 107 -20.35 15.79 16.52
C LEU N 107 -19.04 15.82 15.75
N MET N 108 -18.02 16.51 16.27
CA MET N 108 -16.72 16.51 15.59
C MET N 108 -16.10 15.11 15.54
N SER N 109 -16.60 14.17 16.34
CA SER N 109 -16.01 12.84 16.42
C SER N 109 -16.25 12.03 15.15
N VAL N 110 -17.40 12.23 14.49
CA VAL N 110 -17.83 11.41 13.36
C VAL N 110 -16.75 11.29 12.31
N GLY N 111 -15.84 12.26 12.25
CA GLY N 111 -14.71 12.20 11.34
C GLY N 111 -13.73 11.09 11.64
N GLY N 112 -13.82 10.49 12.82
CA GLY N 112 -12.96 9.38 13.18
C GLY N 112 -13.67 8.07 12.97
N VAL N 113 -14.99 8.13 12.79
CA VAL N 113 -15.79 6.96 12.50
C VAL N 113 -15.84 6.70 10.99
N ALA N 114 -15.98 7.77 10.22
CA ALA N 114 -16.04 7.63 8.77
C ALA N 114 -14.75 7.02 8.22
N GLN N 115 -13.61 7.45 8.75
CA GLN N 115 -12.34 6.90 8.30
C GLN N 115 -12.25 5.42 8.63
N GLY N 116 -12.72 5.03 9.81
CA GLY N 116 -12.74 3.62 10.16
C GLY N 116 -13.55 2.82 9.16
N ILE N 117 -14.78 3.25 8.89
CA ILE N 117 -15.62 2.52 7.95
C ILE N 117 -14.97 2.46 6.59
N GLY N 118 -14.35 3.57 6.16
CA GLY N 118 -13.73 3.59 4.86
C GLY N 118 -12.59 2.60 4.73
N SER N 119 -11.67 2.61 5.70
CA SER N 119 -10.58 1.63 5.68
C SER N 119 -11.12 0.21 5.71
N LEU N 120 -12.15 -0.04 6.53
CA LEU N 120 -12.76 -1.36 6.59
C LEU N 120 -13.25 -1.82 5.23
N PHE N 121 -14.06 -1.00 4.57
CA PHE N 121 -14.61 -1.42 3.28
C PHE N 121 -13.52 -1.46 2.21
N ALA N 122 -12.47 -0.66 2.36
CA ALA N 122 -11.33 -0.77 1.45
C ALA N 122 -10.70 -2.15 1.56
N ALA N 123 -10.52 -2.62 2.79
CA ALA N 123 -9.94 -3.94 2.98
C ALA N 123 -10.87 -5.02 2.46
N LEU N 124 -12.17 -4.86 2.69
CA LEU N 124 -13.14 -5.80 2.12
C LEU N 124 -12.99 -5.90 0.62
N VAL N 125 -13.04 -4.77 -0.08
CA VAL N 125 -12.89 -4.75 -1.53
C VAL N 125 -11.59 -5.43 -1.94
N SER N 126 -10.46 -4.94 -1.42
CA SER N 126 -9.17 -5.48 -1.82
C SER N 126 -9.09 -6.99 -1.59
N GLY N 127 -9.51 -7.46 -0.41
CA GLY N 127 -9.56 -8.88 -0.18
C GLY N 127 -10.43 -9.60 -1.19
N THR N 128 -11.54 -9.00 -1.57
CA THR N 128 -12.39 -9.58 -2.61
C THR N 128 -11.68 -9.62 -3.95
N ALA N 129 -10.68 -8.77 -4.16
CA ALA N 129 -9.92 -8.80 -5.41
C ALA N 129 -8.85 -9.89 -5.43
N ARG N 130 -8.78 -10.72 -4.39
CA ARG N 130 -7.82 -11.82 -4.33
C ARG N 130 -8.51 -13.17 -4.23
N ASN N 131 -9.52 -13.29 -3.37
CA ASN N 131 -10.23 -14.55 -3.13
C ASN N 131 -11.72 -14.28 -3.21
N PRO N 132 -12.25 -14.05 -4.41
CA PRO N 132 -13.69 -13.80 -4.54
C PRO N 132 -14.56 -14.90 -3.98
N SER N 133 -14.12 -16.15 -4.05
CA SER N 133 -14.96 -17.30 -3.76
C SER N 133 -15.46 -17.32 -2.32
N ILE N 134 -15.05 -16.35 -1.50
CA ILE N 134 -15.40 -16.36 -0.08
C ILE N 134 -16.01 -15.03 0.33
N LYS N 135 -16.44 -14.23 -0.63
CA LYS N 135 -17.08 -12.96 -0.28
C LYS N 135 -18.11 -13.14 0.83
N GLU N 136 -18.91 -14.19 0.75
CA GLU N 136 -19.97 -14.41 1.73
C GLU N 136 -19.46 -14.34 3.17
N ASP N 137 -18.22 -14.77 3.41
CA ASP N 137 -17.65 -14.64 4.74
C ASP N 137 -17.16 -13.23 5.00
N LEU N 138 -16.37 -12.68 4.08
CA LEU N 138 -15.82 -11.35 4.27
C LEU N 138 -16.91 -10.37 4.70
N PHE N 139 -17.91 -10.18 3.84
CA PHE N 139 -19.03 -9.31 4.17
C PHE N 139 -19.54 -9.59 5.58
N THR N 140 -19.83 -10.85 5.87
CA THR N 140 -20.29 -11.22 7.20
C THR N 140 -19.39 -10.60 8.27
N TYR N 141 -18.11 -10.95 8.26
CA TYR N 141 -17.19 -10.39 9.23
C TYR N 141 -17.22 -8.86 9.18
N THR N 142 -17.17 -8.29 7.98
CA THR N 142 -17.26 -6.85 7.84
C THR N 142 -18.44 -6.30 8.64
N LEU N 143 -19.62 -6.89 8.47
CA LEU N 143 -20.80 -6.40 9.17
C LEU N 143 -20.55 -6.31 10.66
N ILE N 144 -19.97 -7.37 11.25
CA ILE N 144 -19.66 -7.36 12.67
C ILE N 144 -18.99 -6.04 13.04
N GLY N 145 -17.94 -5.69 12.31
CA GLY N 145 -17.24 -4.44 12.55
C GLY N 145 -18.20 -3.27 12.56
N MET N 146 -18.92 -3.07 11.46
CA MET N 146 -19.90 -2.00 11.42
C MET N 146 -20.89 -2.09 12.57
N GLY N 147 -21.26 -3.31 12.94
CA GLY N 147 -22.22 -3.51 14.01
C GLY N 147 -21.82 -2.81 15.28
N PHE N 148 -20.53 -2.48 15.39
CA PHE N 148 -20.03 -1.69 16.51
C PHE N 148 -19.82 -0.23 16.13
N LEU N 149 -19.19 0.01 14.98
CA LEU N 149 -18.87 1.37 14.57
C LEU N 149 -20.09 2.28 14.60
N GLU N 150 -21.13 1.90 13.86
CA GLU N 150 -22.37 2.66 13.87
C GLU N 150 -22.83 2.98 15.29
N PHE N 151 -22.81 1.97 16.17
CA PHE N 151 -23.19 2.21 17.55
C PHE N 151 -22.41 3.40 18.12
N LEU N 152 -21.09 3.35 18.06
CA LEU N 152 -20.28 4.50 18.46
C LEU N 152 -20.81 5.77 17.82
N GLY N 153 -20.94 5.78 16.50
CA GLY N 153 -21.48 6.96 15.83
C GLY N 153 -22.78 7.42 16.45
N ILE N 154 -23.70 6.49 16.68
CA ILE N 154 -24.99 6.85 17.28
C ILE N 154 -24.77 7.64 18.55
N ILE N 155 -23.90 7.15 19.43
CA ILE N 155 -23.58 7.90 20.64
C ILE N 155 -23.20 9.34 20.31
N CYS N 156 -22.19 9.52 19.46
CA CYS N 156 -21.75 10.86 19.11
C CYS N 156 -22.91 11.75 18.70
N VAL N 157 -23.94 11.16 18.11
CA VAL N 157 -25.13 11.92 17.77
C VAL N 157 -26.05 12.05 18.97
N LEU N 158 -26.46 10.91 19.53
CA LEU N 158 -27.38 10.91 20.65
C LEU N 158 -26.96 11.90 21.73
N MET N 159 -25.76 11.72 22.28
CA MET N 159 -25.32 12.59 23.36
C MET N 159 -25.37 14.06 22.96
N SER N 160 -25.06 14.35 21.69
CA SER N 160 -25.20 15.72 21.21
C SER N 160 -26.55 16.30 21.61
N ALA N 161 -27.62 15.64 21.18
CA ALA N 161 -28.96 16.07 21.56
C ALA N 161 -29.06 16.31 23.06
N VAL N 162 -28.58 15.34 23.85
CA VAL N 162 -28.55 15.53 25.30
C VAL N 162 -27.86 16.85 25.64
N LEU N 163 -26.61 16.99 25.21
CA LEU N 163 -25.86 18.21 25.48
C LEU N 163 -26.49 19.45 24.88
N LEU N 164 -27.49 19.29 24.02
CA LEU N 164 -28.19 20.43 23.45
C LEU N 164 -29.44 20.81 24.22
N TYR N 165 -30.06 19.86 24.93
CA TYR N 165 -31.21 20.17 25.77
C TYR N 165 -30.91 19.99 27.25
N SER N 166 -30.40 18.83 27.65
CA SER N 166 -30.11 18.58 29.06
C SER N 166 -28.63 18.84 29.36
N ALA O 96 5.18 38.92 29.04
CA ALA O 96 4.47 39.11 27.79
C ALA O 96 3.62 37.89 27.47
N GLY O 97 2.52 37.74 28.21
CA GLY O 97 1.64 36.60 28.06
C GLY O 97 1.33 36.19 26.64
N VAL O 98 0.70 37.09 25.88
CA VAL O 98 0.27 36.73 24.53
C VAL O 98 1.46 36.46 23.62
N ALA O 99 2.59 37.14 23.85
CA ALA O 99 3.79 36.81 23.07
C ALA O 99 4.23 35.38 23.35
N SER O 100 4.16 34.97 24.61
CA SER O 100 4.53 33.60 24.95
C SER O 100 3.58 32.60 24.32
N LEU O 101 2.28 32.87 24.37
CA LEU O 101 1.33 31.99 23.71
C LEU O 101 1.62 31.90 22.22
N SER O 102 1.98 33.02 21.60
CA SER O 102 2.28 33.01 20.17
C SER O 102 3.48 32.13 19.87
N ALA O 103 4.54 32.26 20.68
CA ALA O 103 5.68 31.37 20.55
C ALA O 103 5.26 29.91 20.62
N ALA O 104 4.55 29.55 21.69
CA ALA O 104 4.16 28.17 21.91
C ALA O 104 3.30 27.65 20.75
N ILE O 105 2.40 28.48 20.26
CA ILE O 105 1.56 28.07 19.13
C ILE O 105 2.40 27.91 17.87
N ALA O 106 3.46 28.70 17.74
CA ALA O 106 4.31 28.60 16.55
C ALA O 106 5.05 27.28 16.55
N LEU O 107 5.53 26.86 17.72
CA LEU O 107 6.32 25.63 17.75
C LEU O 107 5.55 24.40 17.30
N MET O 108 4.22 24.46 17.20
CA MET O 108 3.46 23.27 16.82
C MET O 108 3.62 22.92 15.36
N SER O 109 4.28 23.76 14.57
CA SER O 109 4.79 23.32 13.28
C SER O 109 5.62 22.06 13.45
N VAL O 110 6.65 22.14 14.29
CA VAL O 110 7.30 20.94 14.79
C VAL O 110 6.24 19.98 15.28
N GLY O 111 6.44 18.70 15.02
CA GLY O 111 5.40 17.71 15.13
C GLY O 111 4.88 17.25 13.79
N GLY O 112 5.03 18.08 12.76
CA GLY O 112 4.79 17.68 11.39
C GLY O 112 6.12 17.50 10.70
N VAL O 113 7.05 18.41 10.98
CA VAL O 113 8.42 18.28 10.49
C VAL O 113 8.99 16.94 10.91
N ALA O 114 8.81 16.57 12.17
CA ALA O 114 9.37 15.33 12.69
C ALA O 114 8.81 14.12 11.96
N GLN O 115 7.49 14.10 11.71
CA GLN O 115 6.91 13.01 10.96
C GLN O 115 7.53 12.92 9.57
N GLY O 116 7.77 14.07 8.95
CA GLY O 116 8.39 14.07 7.64
C GLY O 116 9.78 13.47 7.66
N ILE O 117 10.64 13.96 8.56
CA ILE O 117 11.99 13.42 8.67
C ILE O 117 11.94 11.93 9.02
N GLY O 118 10.96 11.51 9.81
CA GLY O 118 10.85 10.11 10.16
C GLY O 118 10.55 9.25 8.94
N SER O 119 9.50 9.61 8.20
CA SER O 119 9.19 8.88 6.97
C SER O 119 10.38 8.86 6.03
N LEU O 120 11.08 9.99 5.92
CA LEU O 120 12.24 10.09 5.05
C LEU O 120 13.32 9.08 5.44
N PHE O 121 13.87 9.21 6.64
CA PHE O 121 14.92 8.30 7.06
C PHE O 121 14.45 6.86 7.14
N ALA O 122 13.14 6.64 7.28
CA ALA O 122 12.64 5.27 7.30
C ALA O 122 12.71 4.67 5.90
N ALA O 123 12.29 5.44 4.89
CA ALA O 123 12.43 4.98 3.52
C ALA O 123 13.89 4.75 3.19
N LEU O 124 14.78 5.60 3.70
CA LEU O 124 16.21 5.37 3.52
C LEU O 124 16.62 4.02 4.10
N VAL O 125 16.34 3.82 5.38
CA VAL O 125 16.67 2.56 6.06
C VAL O 125 16.19 1.36 5.24
N SER O 126 14.91 1.39 4.83
CA SER O 126 14.35 0.27 4.09
C SER O 126 15.04 0.08 2.75
N GLY O 127 15.00 1.10 1.90
CA GLY O 127 15.67 1.06 0.62
C GLY O 127 17.14 0.69 0.69
N THR O 128 17.73 0.81 1.88
CA THR O 128 19.10 0.32 2.06
C THR O 128 19.12 -1.14 2.47
N ALA O 129 18.16 -1.59 3.27
CA ALA O 129 18.07 -3.01 3.56
C ALA O 129 17.80 -3.81 2.30
N ARG O 130 17.16 -3.19 1.31
CA ARG O 130 16.88 -3.86 0.05
C ARG O 130 18.12 -3.87 -0.85
N ASN O 131 18.67 -2.70 -1.14
CA ASN O 131 19.75 -2.54 -2.11
C ASN O 131 20.93 -1.81 -1.47
N PRO O 132 21.72 -2.50 -0.65
CA PRO O 132 22.91 -1.86 -0.08
C PRO O 132 23.93 -1.39 -1.10
N SER O 133 23.94 -1.97 -2.30
CA SER O 133 24.95 -1.62 -3.30
C SER O 133 24.95 -0.13 -3.60
N ILE O 134 23.90 0.59 -3.25
CA ILE O 134 23.72 1.99 -3.60
C ILE O 134 23.67 2.89 -2.38
N LYS O 135 24.00 2.36 -1.20
CA LYS O 135 23.81 3.08 0.06
C LYS O 135 24.14 4.56 -0.06
N GLU O 136 25.41 4.85 -0.34
CA GLU O 136 25.89 6.24 -0.34
C GLU O 136 24.96 7.15 -1.11
N ASP O 137 24.58 6.75 -2.33
CA ASP O 137 23.74 7.61 -3.15
C ASP O 137 22.49 8.04 -2.38
N LEU O 138 21.75 7.07 -1.86
CA LEU O 138 20.55 7.38 -1.10
C LEU O 138 20.81 8.49 -0.10
N PHE O 139 21.89 8.35 0.68
CA PHE O 139 22.24 9.34 1.68
C PHE O 139 22.11 10.76 1.14
N THR O 140 22.84 11.05 0.06
CA THR O 140 22.84 12.40 -0.47
C THR O 140 21.42 12.90 -0.69
N TYR O 141 20.60 12.07 -1.34
CA TYR O 141 19.23 12.47 -1.64
C TYR O 141 18.51 12.88 -0.36
N THR O 142 18.58 12.04 0.68
CA THR O 142 17.99 12.42 1.95
C THR O 142 18.48 13.78 2.39
N LEU O 143 19.80 13.97 2.44
CA LEU O 143 20.35 15.28 2.78
C LEU O 143 19.68 16.37 1.98
N ILE O 144 19.61 16.21 0.66
CA ILE O 144 18.93 17.20 -0.17
C ILE O 144 17.56 17.49 0.41
N GLY O 145 16.72 16.45 0.53
CA GLY O 145 15.43 16.65 1.16
C GLY O 145 15.54 17.30 2.52
N MET O 146 16.41 16.75 3.37
CA MET O 146 16.60 17.32 4.70
C MET O 146 16.78 18.83 4.61
N GLY O 147 17.58 19.28 3.66
CA GLY O 147 17.80 20.70 3.46
C GLY O 147 16.51 21.46 3.52
N PHE O 148 15.61 21.18 2.57
CA PHE O 148 14.31 21.82 2.56
C PHE O 148 13.68 21.80 3.94
N LEU O 149 13.53 20.60 4.50
CA LEU O 149 12.88 20.47 5.80
C LEU O 149 13.57 21.31 6.86
N GLU O 150 14.90 21.31 6.87
CA GLU O 150 15.61 22.13 7.84
C GLU O 150 15.24 23.60 7.69
N PHE O 151 15.23 24.10 6.45
CA PHE O 151 14.89 25.48 6.19
C PHE O 151 13.42 25.77 6.43
N LEU O 152 12.67 24.78 6.91
CA LEU O 152 11.37 25.02 7.54
C LEU O 152 11.51 25.10 9.05
N GLY O 153 12.09 24.06 9.66
CA GLY O 153 12.16 23.95 11.10
C GLY O 153 12.61 25.23 11.77
N ILE O 154 13.86 25.62 11.51
CA ILE O 154 14.41 26.80 12.16
C ILE O 154 13.45 27.98 12.02
N ILE O 155 12.92 28.18 10.81
CA ILE O 155 12.04 29.33 10.60
C ILE O 155 10.96 29.37 11.68
N CYS O 156 10.19 28.29 11.79
CA CYS O 156 9.21 28.21 12.87
C CYS O 156 9.80 28.68 14.18
N VAL O 157 10.83 27.96 14.64
CA VAL O 157 11.56 28.33 15.84
C VAL O 157 11.88 29.82 15.83
N LEU O 158 12.56 30.27 14.78
CA LEU O 158 12.96 31.66 14.72
C LEU O 158 11.76 32.57 14.88
N MET O 159 10.68 32.33 14.12
CA MET O 159 9.51 33.18 14.24
C MET O 159 9.03 33.20 15.69
N SER O 160 9.02 32.03 16.34
CA SER O 160 8.69 31.98 17.76
C SER O 160 9.48 33.04 18.53
N ALA O 161 10.81 32.96 18.46
CA ALA O 161 11.64 33.97 19.11
C ALA O 161 11.21 35.37 18.70
N VAL O 162 11.04 35.60 17.40
CA VAL O 162 10.55 36.89 16.93
C VAL O 162 9.28 37.26 17.68
N LEU O 163 8.30 36.37 17.66
CA LEU O 163 7.02 36.63 18.30
C LEU O 163 7.14 36.72 19.81
N LEU O 164 8.23 36.22 20.38
CA LEU O 164 8.40 36.27 21.84
C LEU O 164 8.95 37.62 22.28
N TYR O 165 10.03 38.07 21.64
CA TYR O 165 10.60 39.39 21.92
C TYR O 165 9.88 40.52 21.21
N SER O 166 8.66 40.27 20.72
CA SER O 166 7.89 41.28 19.99
C SER O 166 8.73 41.89 18.87
#